data_7LFI
#
_entry.id   7LFI
#
_cell.length_a   63.567
_cell.length_b   68.646
_cell.length_c   54.973
_cell.angle_alpha   101.988
_cell.angle_beta   95.102
_cell.angle_gamma   113.497
#
_symmetry.space_group_name_H-M   'P 1'
#
loop_
_entity.id
_entity.type
_entity.pdbx_description
1 polymer 'Histocompatibility 2, M region locus 3'
2 polymer Beta-2-microglobulin
3 polymer 'Heptapeptide from NADH-ubiquinone oxidoreductase chain 1'
4 non-polymer 2-acetamido-2-deoxy-beta-D-glucopyranose
5 non-polymer 'SODIUM ION'
6 water water
#
loop_
_entity_poly.entity_id
_entity_poly.type
_entity_poly.pdbx_seq_one_letter_code
_entity_poly.pdbx_strand_id
1 'polypeptide(L)'
;GSHSLRYFHTAVSRPGRGEPQYISVGYVDDVQFQRCDSIEEIPRMEPRAPWMEKERPEYWKELKLKVKNIAQSARANLRT
LLRYYNQSEGGSHILQWMVSCEVGPDMRLLGAHYQAAYDGSDYITLNEDLSSWTAVDMVSQITKSRLESAGTAEYFRAYV
EGECLELLHRFLRNGKEILQRADPPKAHVAHHPRPKGDVTLRCWALGFYPADITLTWQKDEEDLTQDMELVETRPSGDGT
FQKWAAVVVPSGEEQRYTCYVHHEGLTEPLALKWRSHHHHHH
;
A,D
2 'polypeptide(L)'
;IQKTPQIQVYSRHPPENGKPNILNCYVTQFHPPHIEIQMLKNGKKIPKVEMSDMSFSKDWSFYILAHTEFTPTETDTYAC
RVKHDSMAEPKTVYWDRDM
;
B,E
3 'polypeptide(L)' (FME)FFINIL C,F
#
loop_
_chem_comp.id
_chem_comp.type
_chem_comp.name
_chem_comp.formula
NA non-polymer 'SODIUM ION' 'Na 1'
NAG D-saccharide, beta linking 2-acetamido-2-deoxy-beta-D-glucopyranose 'C8 H15 N O6'
#
# COMPACT_ATOMS: atom_id res chain seq x y z
N GLY A 1 12.60 -6.07 -18.09
CA GLY A 1 13.47 -6.18 -16.88
C GLY A 1 13.42 -7.56 -16.26
N SER A 2 12.66 -7.69 -15.18
CA SER A 2 12.41 -8.99 -14.57
C SER A 2 11.19 -9.63 -15.22
N HIS A 3 11.09 -10.94 -15.06
CA HIS A 3 10.06 -11.73 -15.71
C HIS A 3 9.35 -12.61 -14.68
N SER A 4 8.04 -12.80 -14.89
CA SER A 4 7.18 -13.47 -13.91
C SER A 4 6.31 -14.50 -14.63
N LEU A 5 6.20 -15.67 -14.00
CA LEU A 5 5.19 -16.67 -14.34
C LEU A 5 4.13 -16.64 -13.25
N ARG A 6 2.85 -16.54 -13.65
CA ARG A 6 1.71 -16.35 -12.76
C ARG A 6 0.52 -17.24 -13.14
N TYR A 7 -0.13 -17.79 -12.14
CA TYR A 7 -1.35 -18.57 -12.35
C TYR A 7 -2.46 -18.01 -11.47
N PHE A 8 -3.66 -17.92 -12.05
CA PHE A 8 -4.81 -17.34 -11.38
C PHE A 8 -5.88 -18.41 -11.32
N HIS A 9 -6.10 -18.96 -10.11
CA HIS A 9 -6.97 -20.11 -9.90
C HIS A 9 -8.28 -19.66 -9.28
N THR A 10 -9.38 -20.25 -9.74
CA THR A 10 -10.74 -20.02 -9.24
C THR A 10 -11.52 -21.33 -9.12
N ALA A 11 -12.06 -21.57 -7.95
CA ALA A 11 -12.92 -22.70 -7.68
C ALA A 11 -14.27 -22.20 -7.20
N VAL A 12 -15.33 -22.83 -7.70
CA VAL A 12 -16.70 -22.42 -7.42
C VAL A 12 -17.46 -23.63 -6.95
N SER A 13 -18.15 -23.49 -5.82
CA SER A 13 -19.04 -24.52 -5.33
C SER A 13 -20.42 -24.36 -5.98
N ARG A 14 -20.96 -25.44 -6.48
CA ARG A 14 -22.21 -25.40 -7.25
C ARG A 14 -22.18 -24.24 -8.26
N PRO A 15 -21.36 -24.33 -9.28
CA PRO A 15 -21.44 -23.33 -10.35
C PRO A 15 -22.73 -23.47 -11.14
N GLY A 16 -22.95 -22.63 -12.12
CA GLY A 16 -24.08 -22.80 -13.01
C GLY A 16 -23.84 -23.94 -13.99
N ARG A 17 -24.93 -24.43 -14.57
CA ARG A 17 -24.83 -25.46 -15.61
C ARG A 17 -23.86 -25.01 -16.70
N GLY A 18 -23.02 -25.95 -17.15
CA GLY A 18 -21.98 -25.64 -18.11
C GLY A 18 -20.83 -24.77 -17.61
N GLU A 19 -20.89 -24.24 -16.34
CA GLU A 19 -19.85 -23.38 -15.87
C GLU A 19 -18.79 -24.16 -15.09
N PRO A 20 -17.53 -23.74 -15.14
CA PRO A 20 -16.48 -24.55 -14.51
C PRO A 20 -16.61 -24.57 -13.00
N GLN A 21 -16.39 -25.77 -12.44
CA GLN A 21 -16.12 -25.90 -11.01
C GLN A 21 -14.72 -25.44 -10.65
N TYR A 22 -13.82 -25.43 -11.62
CA TYR A 22 -12.45 -24.98 -11.42
C TYR A 22 -11.97 -24.45 -12.76
N ILE A 23 -11.23 -23.35 -12.71
CA ILE A 23 -10.57 -22.80 -13.88
C ILE A 23 -9.28 -22.11 -13.42
N SER A 24 -8.22 -22.26 -14.24
CA SER A 24 -7.00 -21.50 -14.00
C SER A 24 -6.44 -21.04 -15.33
N VAL A 25 -5.94 -19.82 -15.34
CA VAL A 25 -5.24 -19.27 -16.49
C VAL A 25 -3.80 -18.94 -16.08
N GLY A 26 -2.87 -19.15 -17.01
CA GLY A 26 -1.45 -18.89 -16.76
C GLY A 26 -0.91 -17.81 -17.69
N TYR A 27 -0.01 -17.00 -17.15
CA TYR A 27 0.60 -15.88 -17.83
C TYR A 27 2.12 -15.92 -17.62
N VAL A 28 2.86 -15.52 -18.66
CA VAL A 28 4.20 -14.96 -18.49
C VAL A 28 4.06 -13.45 -18.71
N ASP A 29 4.32 -12.66 -17.64
CA ASP A 29 4.20 -11.20 -17.70
C ASP A 29 2.76 -10.88 -18.12
N ASP A 30 2.53 -10.15 -19.21
CA ASP A 30 1.17 -9.75 -19.57
C ASP A 30 0.66 -10.56 -20.76
N VAL A 31 1.21 -11.77 -20.95
CA VAL A 31 0.86 -12.64 -22.07
C VAL A 31 0.33 -13.97 -21.56
N GLN A 32 -0.92 -14.28 -21.91
CA GLN A 32 -1.53 -15.53 -21.46
C GLN A 32 -1.01 -16.68 -22.31
N PHE A 33 -0.72 -17.82 -21.67
CA PHE A 33 -0.23 -18.97 -22.42
C PHE A 33 -1.08 -20.22 -22.31
N GLN A 34 -2.03 -20.28 -21.37
CA GLN A 34 -2.94 -21.44 -21.39
C GLN A 34 -4.17 -21.19 -20.52
N ARG A 35 -5.17 -22.05 -20.73
CA ARG A 35 -6.37 -22.14 -19.89
C ARG A 35 -6.57 -23.60 -19.50
N CYS A 36 -6.79 -23.85 -18.23
CA CYS A 36 -7.20 -25.16 -17.72
C CYS A 36 -8.52 -25.02 -16.98
N ASP A 37 -9.38 -26.04 -17.10
CA ASP A 37 -10.63 -26.00 -16.35
C ASP A 37 -11.14 -27.41 -16.10
N SER A 38 -12.13 -27.50 -15.23
CA SER A 38 -12.82 -28.74 -14.96
C SER A 38 -14.32 -28.48 -14.88
N ILE A 39 -15.07 -29.12 -15.77
CA ILE A 39 -16.53 -28.99 -15.82
C ILE A 39 -17.13 -30.38 -15.65
N GLU A 40 -17.93 -30.56 -14.59
CA GLU A 40 -18.56 -31.85 -14.28
C GLU A 40 -17.52 -32.95 -14.18
N GLU A 41 -16.34 -32.63 -13.65
CA GLU A 41 -15.22 -33.52 -13.39
C GLU A 41 -14.35 -33.72 -14.62
N ILE A 42 -14.72 -33.22 -15.79
CA ILE A 42 -13.97 -33.42 -17.01
C ILE A 42 -12.89 -32.31 -17.10
N PRO A 43 -11.62 -32.64 -17.07
CA PRO A 43 -10.58 -31.63 -17.27
C PRO A 43 -10.32 -31.36 -18.74
N ARG A 44 -10.05 -30.10 -19.05
CA ARG A 44 -9.73 -29.65 -20.40
C ARG A 44 -8.60 -28.63 -20.35
N MET A 45 -7.78 -28.59 -21.40
CA MET A 45 -6.63 -27.70 -21.46
C MET A 45 -6.55 -27.10 -22.86
N GLU A 46 -6.23 -25.81 -22.94
CA GLU A 46 -6.09 -25.14 -24.22
C GLU A 46 -4.86 -24.23 -24.20
N PRO A 47 -4.00 -24.29 -25.23
CA PRO A 47 -2.92 -23.30 -25.34
C PRO A 47 -3.46 -21.96 -25.82
N ARG A 48 -2.68 -20.92 -25.54
CA ARG A 48 -3.04 -19.55 -25.90
C ARG A 48 -1.90 -18.73 -26.48
N ALA A 49 -0.65 -19.15 -26.35
CA ALA A 49 0.47 -18.46 -26.95
C ALA A 49 1.17 -19.36 -27.97
N PRO A 50 1.87 -18.77 -28.95
CA PRO A 50 2.46 -19.61 -30.00
C PRO A 50 3.54 -20.55 -29.48
N TRP A 51 4.30 -20.15 -28.45
CA TRP A 51 5.42 -20.99 -28.02
C TRP A 51 4.94 -22.32 -27.44
N MET A 52 3.63 -22.41 -27.09
CA MET A 52 3.11 -23.63 -26.49
C MET A 52 3.00 -24.77 -27.50
N GLU A 53 3.09 -24.47 -28.79
CA GLU A 53 3.09 -25.54 -29.79
C GLU A 53 4.33 -26.42 -29.69
N LYS A 54 5.38 -25.95 -29.02
CA LYS A 54 6.63 -26.69 -28.90
C LYS A 54 6.64 -27.66 -27.72
N GLU A 55 5.74 -27.49 -26.75
CA GLU A 55 5.64 -28.42 -25.65
C GLU A 55 5.38 -29.83 -26.16
N ARG A 56 5.99 -30.82 -25.52
CA ARG A 56 5.82 -32.21 -25.92
C ARG A 56 4.58 -32.81 -25.27
N PRO A 57 4.09 -33.95 -25.79
CA PRO A 57 2.81 -34.48 -25.29
C PRO A 57 2.79 -34.73 -23.79
N GLU A 58 3.93 -35.15 -23.21
CA GLU A 58 3.93 -35.45 -21.78
C GLU A 58 3.65 -34.20 -20.94
N TYR A 59 4.06 -33.02 -21.40
CA TYR A 59 3.67 -31.79 -20.72
C TYR A 59 2.17 -31.73 -20.50
N TRP A 60 1.40 -31.95 -21.55
CA TRP A 60 -0.06 -31.87 -21.45
C TRP A 60 -0.64 -33.03 -20.64
N LYS A 61 -0.02 -34.23 -20.74
CA LYS A 61 -0.50 -35.38 -19.99
C LYS A 61 -0.32 -35.17 -18.49
N GLU A 62 0.83 -34.64 -18.08
CA GLU A 62 1.01 -34.34 -16.65
C GLU A 62 0.11 -33.20 -16.19
N LEU A 63 -0.11 -32.20 -17.05
CA LEU A 63 -0.98 -31.08 -16.69
C LEU A 63 -2.41 -31.55 -16.42
N LYS A 64 -2.90 -32.49 -17.25
CA LYS A 64 -4.26 -32.99 -17.08
C LYS A 64 -4.42 -33.63 -15.71
N LEU A 65 -3.43 -34.44 -15.29
CA LEU A 65 -3.49 -35.07 -13.97
C LEU A 65 -3.45 -34.01 -12.85
N LYS A 66 -2.65 -32.96 -13.02
CA LYS A 66 -2.63 -31.88 -12.03
C LYS A 66 -4.01 -31.23 -11.92
N VAL A 67 -4.64 -30.98 -13.07
CA VAL A 67 -5.94 -30.31 -13.06
C VAL A 67 -6.97 -31.13 -12.28
N LYS A 68 -7.01 -32.44 -12.54
CA LYS A 68 -7.95 -33.30 -11.83
C LYS A 68 -7.71 -33.27 -10.32
N ASN A 69 -6.45 -33.30 -9.90
CA ASN A 69 -6.19 -33.36 -8.46
C ASN A 69 -6.45 -32.02 -7.79
N ILE A 70 -6.06 -30.93 -8.43
CA ILE A 70 -6.35 -29.60 -7.91
C ILE A 70 -7.85 -29.37 -7.77
N ALA A 71 -8.63 -29.77 -8.78
CA ALA A 71 -10.07 -29.49 -8.74
C ALA A 71 -10.76 -30.27 -7.62
N GLN A 72 -10.32 -31.51 -7.37
CA GLN A 72 -10.89 -32.30 -6.27
C GLN A 72 -10.48 -31.72 -4.90
N SER A 73 -9.24 -31.27 -4.76
CA SER A 73 -8.83 -30.69 -3.49
C SER A 73 -9.52 -29.35 -3.21
N ALA A 74 -9.68 -28.50 -4.23
CA ALA A 74 -10.40 -27.24 -4.02
C ALA A 74 -11.86 -27.47 -3.64
N ARG A 75 -12.49 -28.47 -4.27
CA ARG A 75 -13.87 -28.79 -3.90
C ARG A 75 -13.94 -29.19 -2.44
N ALA A 76 -13.01 -30.03 -2.00
CA ALA A 76 -13.01 -30.44 -0.60
C ALA A 76 -12.78 -29.25 0.33
N ASN A 77 -11.82 -28.38 -0.01
CA ASN A 77 -11.60 -27.17 0.80
C ASN A 77 -12.85 -26.28 0.88
N LEU A 78 -13.59 -26.12 -0.21
CA LEU A 78 -14.76 -25.28 -0.15
C LEU A 78 -15.78 -25.87 0.82
N ARG A 79 -15.86 -27.22 0.86
CA ARG A 79 -16.82 -27.88 1.77
C ARG A 79 -16.44 -27.66 3.23
N THR A 80 -15.16 -27.74 3.54
CA THR A 80 -14.72 -27.51 4.92
C THR A 80 -14.84 -26.04 5.30
N LEU A 81 -14.56 -25.12 4.39
CA LEU A 81 -14.74 -23.70 4.66
C LEU A 81 -16.17 -23.37 5.04
N LEU A 82 -17.13 -24.02 4.37
CA LEU A 82 -18.52 -23.80 4.70
C LEU A 82 -18.81 -24.17 6.15
N ARG A 83 -18.18 -25.27 6.63
CA ARG A 83 -18.45 -25.75 7.99
C ARG A 83 -17.81 -24.82 9.04
N TYR A 84 -16.56 -24.43 8.81
CA TYR A 84 -15.86 -23.59 9.78
C TYR A 84 -16.45 -22.20 9.88
N TYR A 85 -17.10 -21.71 8.82
CA TYR A 85 -17.74 -20.41 8.83
C TYR A 85 -19.23 -20.49 9.13
N ASN A 86 -19.73 -21.65 9.55
CA ASN A 86 -21.14 -21.85 9.91
C ASN A 86 -22.06 -21.22 8.86
N GLN A 87 -21.87 -21.64 7.60
CA GLN A 87 -22.67 -21.17 6.49
C GLN A 87 -23.66 -22.24 6.06
N SER A 88 -24.80 -21.81 5.57
CA SER A 88 -25.83 -22.76 5.12
C SER A 88 -25.39 -23.45 3.83
N GLU A 89 -25.88 -24.67 3.64
CA GLU A 89 -25.62 -25.38 2.40
C GLU A 89 -26.57 -24.88 1.31
N GLY A 90 -26.19 -25.17 0.07
CA GLY A 90 -26.99 -24.78 -1.07
C GLY A 90 -26.44 -23.61 -1.83
N GLY A 91 -25.97 -22.58 -1.09
CA GLY A 91 -25.37 -21.43 -1.72
C GLY A 91 -24.05 -21.75 -2.39
N SER A 92 -23.57 -20.80 -3.19
CA SER A 92 -22.38 -20.96 -3.99
C SER A 92 -21.28 -20.02 -3.45
N HIS A 93 -20.09 -20.58 -3.24
CA HIS A 93 -18.97 -19.85 -2.65
C HIS A 93 -17.74 -20.01 -3.52
N ILE A 94 -16.81 -19.09 -3.34
CA ILE A 94 -15.70 -18.96 -4.27
C ILE A 94 -14.40 -19.04 -3.47
N LEU A 95 -13.43 -19.80 -4.00
CA LEU A 95 -12.06 -19.90 -3.51
C LEU A 95 -11.15 -19.54 -4.66
N GLN A 96 -10.31 -18.53 -4.49
CA GLN A 96 -9.38 -18.07 -5.50
C GLN A 96 -7.98 -18.14 -4.88
N TRP A 97 -6.94 -18.36 -5.68
CA TRP A 97 -5.56 -18.26 -5.19
C TRP A 97 -4.70 -17.95 -6.39
N MET A 98 -3.61 -17.24 -6.09
CA MET A 98 -2.58 -16.88 -7.03
CA MET A 98 -2.58 -16.88 -7.04
C MET A 98 -1.25 -17.56 -6.70
N VAL A 99 -0.47 -17.90 -7.73
CA VAL A 99 0.78 -18.64 -7.59
C VAL A 99 1.69 -17.97 -8.58
N SER A 100 2.88 -17.55 -8.15
CA SER A 100 3.83 -16.96 -9.10
C SER A 100 5.28 -17.10 -8.63
N CYS A 101 6.20 -16.91 -9.59
CA CYS A 101 7.61 -16.82 -9.30
C CYS A 101 8.18 -15.79 -10.25
N GLU A 102 9.23 -15.10 -9.79
CA GLU A 102 9.85 -14.00 -10.53
C GLU A 102 11.37 -14.11 -10.62
N VAL A 103 11.93 -13.85 -11.79
CA VAL A 103 13.37 -13.87 -11.97
C VAL A 103 13.79 -12.53 -12.53
N GLY A 104 15.04 -12.14 -12.21
CA GLY A 104 15.61 -10.92 -12.70
C GLY A 104 16.20 -11.08 -14.08
N PRO A 105 16.77 -9.98 -14.60
CA PRO A 105 17.29 -10.00 -15.97
C PRO A 105 18.30 -11.11 -16.24
N ASP A 106 18.86 -11.71 -15.20
CA ASP A 106 19.87 -12.75 -15.35
C ASP A 106 19.31 -14.14 -15.03
N MET A 107 17.99 -14.28 -14.91
CA MET A 107 17.31 -15.53 -14.62
C MET A 107 17.47 -15.96 -13.17
N ARG A 108 18.08 -15.12 -12.33
CA ARG A 108 18.12 -15.41 -10.91
C ARG A 108 16.75 -15.22 -10.28
N LEU A 109 16.35 -16.19 -9.43
CA LEU A 109 15.09 -16.03 -8.72
C LEU A 109 15.12 -14.80 -7.82
N LEU A 110 14.04 -14.01 -7.88
CA LEU A 110 13.87 -12.84 -7.04
C LEU A 110 12.82 -13.02 -5.98
N GLY A 111 11.76 -13.79 -6.25
CA GLY A 111 10.74 -14.00 -5.25
C GLY A 111 9.68 -14.93 -5.77
N ALA A 112 8.66 -15.12 -4.94
CA ALA A 112 7.55 -15.97 -5.33
C ALA A 112 6.36 -15.62 -4.45
N HIS A 113 5.16 -16.06 -4.87
CA HIS A 113 3.93 -15.74 -4.13
C HIS A 113 2.92 -16.86 -4.07
N TYR A 114 2.22 -16.95 -2.95
CA TYR A 114 1.08 -17.84 -2.79
C TYR A 114 0.11 -17.12 -1.90
N GLN A 115 -1.10 -16.86 -2.41
N GLN A 115 -1.11 -16.87 -2.41
CA GLN A 115 -2.10 -16.15 -1.63
CA GLN A 115 -2.12 -16.08 -1.72
C GLN A 115 -3.48 -16.61 -2.09
C GLN A 115 -3.50 -16.58 -2.11
N ALA A 116 -4.39 -16.73 -1.14
CA ALA A 116 -5.73 -17.23 -1.33
C ALA A 116 -6.76 -16.23 -0.80
N ALA A 117 -7.97 -16.29 -1.35
CA ALA A 117 -9.14 -15.51 -0.92
C ALA A 117 -10.39 -16.39 -0.93
N TYR A 118 -11.28 -16.11 -0.01
CA TYR A 118 -12.54 -16.82 0.13
C TYR A 118 -13.65 -15.80 -0.03
N ASP A 119 -14.58 -16.08 -0.94
CA ASP A 119 -15.72 -15.19 -1.28
C ASP A 119 -15.25 -13.75 -1.50
N GLY A 120 -14.11 -13.61 -2.17
CA GLY A 120 -13.64 -12.33 -2.65
C GLY A 120 -12.88 -11.51 -1.65
N SER A 121 -12.61 -12.03 -0.45
CA SER A 121 -11.85 -11.38 0.61
C SER A 121 -10.55 -12.12 0.89
N ASP A 122 -9.48 -11.39 1.25
CA ASP A 122 -8.23 -12.03 1.64
C ASP A 122 -8.52 -13.06 2.70
N TYR A 123 -7.89 -14.22 2.53
CA TYR A 123 -7.89 -15.30 3.54
C TYR A 123 -6.50 -15.59 4.11
N ILE A 124 -5.50 -15.92 3.29
CA ILE A 124 -4.15 -16.23 3.79
C ILE A 124 -3.16 -15.89 2.70
N THR A 125 -1.96 -15.50 3.11
CA THR A 125 -0.90 -15.02 2.24
C THR A 125 0.43 -15.56 2.73
N LEU A 126 1.29 -15.99 1.80
CA LEU A 126 2.64 -16.40 2.13
C LEU A 126 3.54 -15.17 2.15
N ASN A 127 4.36 -15.02 3.19
CA ASN A 127 5.17 -13.81 3.32
C ASN A 127 6.40 -13.87 2.41
N GLU A 128 7.12 -12.74 2.36
CA GLU A 128 8.29 -12.64 1.52
C GLU A 128 9.38 -13.64 1.88
N ASP A 129 9.43 -14.11 3.13
CA ASP A 129 10.43 -15.09 3.53
C ASP A 129 10.17 -16.48 2.96
N LEU A 130 9.02 -16.70 2.35
CA LEU A 130 8.59 -17.99 1.83
C LEU A 130 8.54 -19.07 2.90
N SER A 131 8.21 -18.70 4.13
CA SER A 131 8.26 -19.67 5.22
C SER A 131 7.21 -19.41 6.28
N SER A 132 6.61 -18.22 6.30
CA SER A 132 5.57 -17.91 7.27
C SER A 132 4.37 -17.31 6.54
N TRP A 133 3.24 -17.28 7.23
CA TRP A 133 1.97 -16.93 6.64
C TRP A 133 1.30 -15.81 7.45
N THR A 134 0.45 -15.04 6.77
CA THR A 134 -0.34 -14.00 7.40
C THR A 134 -1.83 -14.31 7.26
N ALA A 135 -2.51 -14.49 8.38
CA ALA A 135 -3.95 -14.74 8.41
C ALA A 135 -4.75 -13.45 8.67
N VAL A 136 -6.09 -13.56 8.50
CA VAL A 136 -6.97 -12.42 8.70
C VAL A 136 -8.01 -12.65 9.78
N ASP A 137 -8.24 -13.88 10.23
CA ASP A 137 -9.28 -14.16 11.23
C ASP A 137 -8.96 -15.50 11.87
N MET A 138 -9.83 -15.98 12.74
CA MET A 138 -9.53 -17.18 13.50
C MET A 138 -9.67 -18.45 12.67
N VAL A 139 -10.38 -18.42 11.54
CA VAL A 139 -10.42 -19.60 10.69
C VAL A 139 -9.11 -19.72 9.94
N SER A 140 -8.71 -18.65 9.28
CA SER A 140 -7.45 -18.65 8.56
C SER A 140 -6.27 -18.80 9.49
N GLN A 141 -6.41 -18.41 10.76
CA GLN A 141 -5.38 -18.68 11.77
C GLN A 141 -5.22 -20.18 12.04
N ILE A 142 -6.31 -20.95 11.94
CA ILE A 142 -6.19 -22.41 12.01
C ILE A 142 -5.37 -22.93 10.84
N THR A 143 -5.67 -22.45 9.65
CA THR A 143 -4.90 -22.82 8.47
C THR A 143 -3.42 -22.51 8.66
N LYS A 144 -3.11 -21.32 9.16
CA LYS A 144 -1.72 -20.93 9.37
C LYS A 144 -1.05 -21.87 10.35
N SER A 145 -1.69 -22.13 11.48
CA SER A 145 -1.10 -23.00 12.49
C SER A 145 -0.87 -24.39 11.95
N ARG A 146 -1.79 -24.90 11.15
CA ARG A 146 -1.60 -26.20 10.51
C ARG A 146 -0.45 -26.16 9.49
N LEU A 147 -0.46 -25.18 8.58
CA LEU A 147 0.57 -25.11 7.56
C LEU A 147 1.95 -24.95 8.18
N GLU A 148 2.06 -24.23 9.32
CA GLU A 148 3.38 -24.06 9.94
C GLU A 148 3.79 -25.29 10.73
N SER A 149 2.83 -25.96 11.37
CA SER A 149 3.16 -27.21 12.06
C SER A 149 3.71 -28.22 11.08
N ALA A 150 3.07 -28.32 9.90
CA ALA A 150 3.43 -29.32 8.91
C ALA A 150 4.48 -28.86 7.92
N GLY A 151 5.01 -27.64 8.08
CA GLY A 151 6.06 -27.20 7.19
C GLY A 151 5.68 -27.21 5.74
N THR A 152 4.42 -26.91 5.45
CA THR A 152 3.97 -26.95 4.07
C THR A 152 4.69 -25.98 3.14
N ALA A 153 5.18 -24.86 3.68
CA ALA A 153 5.88 -23.91 2.80
C ALA A 153 7.13 -24.53 2.15
N GLU A 154 7.68 -25.60 2.75
CA GLU A 154 8.84 -26.27 2.16
C GLU A 154 8.49 -26.83 0.78
N TYR A 155 7.27 -27.34 0.62
CA TYR A 155 6.93 -27.98 -0.64
C TYR A 155 6.54 -26.95 -1.68
N PHE A 156 6.08 -25.78 -1.23
CA PHE A 156 5.86 -24.71 -2.16
C PHE A 156 7.19 -24.24 -2.72
N ARG A 157 8.19 -24.11 -1.83
CA ARG A 157 9.52 -23.69 -2.27
C ARG A 157 10.07 -24.69 -3.27
N ALA A 158 9.87 -26.00 -3.05
CA ALA A 158 10.33 -27.01 -4.00
C ALA A 158 9.66 -26.83 -5.35
N TYR A 159 8.38 -26.48 -5.35
CA TYR A 159 7.69 -26.17 -6.61
C TYR A 159 8.27 -24.93 -7.29
N VAL A 160 8.46 -23.87 -6.52
CA VAL A 160 9.07 -22.64 -7.04
C VAL A 160 10.43 -22.93 -7.67
N GLU A 161 11.32 -23.60 -6.94
CA GLU A 161 12.69 -23.82 -7.39
C GLU A 161 12.78 -25.03 -8.31
N GLY A 162 11.63 -25.69 -8.58
CA GLY A 162 11.61 -26.77 -9.53
C GLY A 162 10.82 -26.40 -10.76
N GLU A 163 9.54 -26.79 -10.81
CA GLU A 163 8.75 -26.62 -12.04
C GLU A 163 8.55 -25.14 -12.43
N CYS A 164 8.33 -24.26 -11.46
CA CYS A 164 8.08 -22.85 -11.78
C CYS A 164 9.30 -22.23 -12.48
N LEU A 165 10.50 -22.54 -12.00
CA LEU A 165 11.71 -22.04 -12.65
C LEU A 165 11.93 -22.73 -13.99
N GLU A 166 11.73 -24.05 -14.04
CA GLU A 166 11.88 -24.78 -15.30
C GLU A 166 11.01 -24.17 -16.40
N LEU A 167 9.73 -23.97 -16.09
CA LEU A 167 8.77 -23.53 -17.11
C LEU A 167 9.03 -22.08 -17.51
N LEU A 168 9.30 -21.21 -16.52
CA LEU A 168 9.60 -19.83 -16.83
C LEU A 168 10.81 -19.73 -17.75
N HIS A 169 11.86 -20.53 -17.48
CA HIS A 169 13.05 -20.51 -18.33
C HIS A 169 12.75 -20.99 -19.75
N ARG A 170 11.98 -22.06 -19.88
CA ARG A 170 11.75 -22.63 -21.21
C ARG A 170 10.78 -21.77 -22.02
N PHE A 171 9.78 -21.21 -21.36
CA PHE A 171 8.84 -20.31 -22.06
C PHE A 171 9.55 -19.06 -22.57
N LEU A 172 10.35 -18.42 -21.71
CA LEU A 172 11.10 -17.25 -22.14
C LEU A 172 12.00 -17.58 -23.32
N ARG A 173 12.61 -18.77 -23.30
CA ARG A 173 13.44 -19.20 -24.43
C ARG A 173 12.62 -19.32 -25.71
N ASN A 174 11.61 -20.17 -25.71
CA ASN A 174 10.87 -20.45 -26.93
C ASN A 174 10.02 -19.27 -27.35
N GLY A 175 9.60 -18.41 -26.39
CA GLY A 175 8.78 -17.24 -26.71
C GLY A 175 9.51 -15.90 -26.64
N LYS A 176 10.85 -15.95 -26.76
CA LYS A 176 11.65 -14.74 -26.56
C LYS A 176 11.15 -13.59 -27.42
N GLU A 177 10.79 -13.87 -28.67
CA GLU A 177 10.36 -12.80 -29.58
C GLU A 177 9.13 -12.06 -29.06
N ILE A 178 8.26 -12.73 -28.33
CA ILE A 178 7.06 -12.09 -27.80
C ILE A 178 7.32 -11.48 -26.44
N LEU A 179 8.08 -12.19 -25.59
CA LEU A 179 8.17 -11.84 -24.18
C LEU A 179 9.25 -10.81 -23.87
N GLN A 180 10.38 -10.88 -24.57
CA GLN A 180 11.52 -10.04 -24.25
C GLN A 180 11.47 -8.80 -25.14
N ARG A 181 10.49 -7.94 -24.85
CA ARG A 181 10.27 -6.73 -25.63
C ARG A 181 9.62 -5.67 -24.74
N ALA A 182 9.59 -4.43 -25.25
CA ALA A 182 8.85 -3.35 -24.59
C ALA A 182 8.42 -2.35 -25.66
N ASP A 183 7.17 -2.46 -26.09
CA ASP A 183 6.64 -1.58 -27.14
C ASP A 183 6.17 -0.25 -26.53
N PRO A 184 6.79 0.88 -26.86
CA PRO A 184 6.40 2.15 -26.22
C PRO A 184 5.08 2.66 -26.76
N PRO A 185 4.39 3.50 -26.00
CA PRO A 185 3.10 4.01 -26.45
C PRO A 185 3.23 4.98 -27.62
N LYS A 186 2.24 4.93 -28.50
CA LYS A 186 2.00 5.96 -29.51
C LYS A 186 0.92 6.89 -28.98
N ALA A 187 1.27 8.16 -28.74
CA ALA A 187 0.40 9.07 -28.02
C ALA A 187 -0.02 10.24 -28.92
N HIS A 188 -1.22 10.76 -28.64
CA HIS A 188 -1.71 11.94 -29.32
C HIS A 188 -2.86 12.56 -28.52
N VAL A 189 -3.15 13.82 -28.82
CA VAL A 189 -4.22 14.55 -28.14
C VAL A 189 -5.38 14.74 -29.09
N ALA A 190 -6.59 14.53 -28.59
CA ALA A 190 -7.82 14.76 -29.32
C ALA A 190 -8.60 15.92 -28.71
N HIS A 191 -9.38 16.59 -29.55
CA HIS A 191 -10.05 17.85 -29.20
C HIS A 191 -11.51 17.75 -29.61
N HIS A 192 -12.42 17.87 -28.65
CA HIS A 192 -13.85 17.75 -28.88
C HIS A 192 -14.62 18.92 -28.28
N PRO A 193 -15.10 19.86 -29.09
CA PRO A 193 -15.93 20.94 -28.54
C PRO A 193 -17.18 20.40 -27.85
N ARG A 194 -17.56 21.09 -26.78
CA ARG A 194 -18.76 20.79 -26.02
C ARG A 194 -19.83 21.86 -26.25
N PRO A 195 -21.11 21.53 -26.08
CA PRO A 195 -22.17 22.50 -26.44
C PRO A 195 -22.20 23.76 -25.59
N LYS A 196 -21.40 23.83 -24.51
CA LYS A 196 -21.39 25.01 -23.65
C LYS A 196 -20.22 25.96 -23.93
N GLY A 197 -19.44 25.71 -24.99
CA GLY A 197 -18.35 26.57 -25.36
C GLY A 197 -16.99 26.07 -24.90
N ASP A 198 -16.95 25.17 -23.91
CA ASP A 198 -15.69 24.65 -23.42
C ASP A 198 -15.27 23.46 -24.27
N VAL A 199 -14.26 22.72 -23.85
CA VAL A 199 -13.59 21.77 -24.74
C VAL A 199 -13.03 20.60 -23.93
N THR A 200 -13.18 19.42 -24.49
CA THR A 200 -12.59 18.21 -23.94
C THR A 200 -11.26 17.96 -24.65
N LEU A 201 -10.19 17.82 -23.85
CA LEU A 201 -8.91 17.36 -24.36
C LEU A 201 -8.69 15.93 -23.90
N ARG A 202 -8.58 15.00 -24.84
CA ARG A 202 -8.45 13.58 -24.54
C ARG A 202 -7.07 13.10 -25.00
N CYS A 203 -6.26 12.68 -24.03
CA CYS A 203 -4.90 12.23 -24.33
C CYS A 203 -4.92 10.71 -24.49
N TRP A 204 -4.51 10.24 -25.66
CA TRP A 204 -4.55 8.82 -25.99
C TRP A 204 -3.15 8.21 -25.96
N ALA A 205 -3.07 6.96 -25.51
CA ALA A 205 -1.86 6.16 -25.63
C ALA A 205 -2.26 4.80 -26.18
N LEU A 206 -1.64 4.40 -27.29
CA LEU A 206 -2.01 3.17 -27.98
C LEU A 206 -0.82 2.25 -28.21
N GLY A 207 -1.13 0.96 -28.36
CA GLY A 207 -0.19 -0.01 -28.86
C GLY A 207 1.03 -0.27 -27.99
N PHE A 208 0.94 -0.09 -26.69
CA PHE A 208 2.09 -0.26 -25.81
C PHE A 208 2.05 -1.65 -25.14
N TYR A 209 3.23 -2.09 -24.70
CA TYR A 209 3.43 -3.34 -23.96
C TYR A 209 4.73 -3.18 -23.17
N PRO A 210 4.77 -3.57 -21.90
CA PRO A 210 3.69 -4.15 -21.07
C PRO A 210 2.54 -3.16 -20.77
N ALA A 211 1.57 -3.59 -19.96
CA ALA A 211 0.38 -2.78 -19.73
C ALA A 211 0.58 -1.61 -18.76
N ASP A 212 1.55 -1.72 -17.85
CA ASP A 212 1.73 -0.68 -16.85
C ASP A 212 2.05 0.63 -17.53
N ILE A 213 1.28 1.67 -17.20
CA ILE A 213 1.48 2.99 -17.81
C ILE A 213 0.95 4.08 -16.87
N THR A 214 1.29 5.32 -17.14
CA THR A 214 0.73 6.45 -16.39
C THR A 214 0.51 7.59 -17.35
N LEU A 215 -0.64 8.24 -17.25
CA LEU A 215 -0.95 9.44 -18.01
C LEU A 215 -1.36 10.54 -17.05
N THR A 216 -0.91 11.76 -17.33
CA THR A 216 -1.17 12.88 -16.43
C THR A 216 -1.27 14.17 -17.20
N TRP A 217 -2.32 14.95 -16.95
CA TRP A 217 -2.47 16.31 -17.45
C TRP A 217 -1.96 17.31 -16.42
N GLN A 218 -1.45 18.43 -16.89
CA GLN A 218 -0.92 19.47 -16.02
C GLN A 218 -1.23 20.85 -16.60
N LYS A 219 -1.60 21.77 -15.72
CA LYS A 219 -1.90 23.16 -16.07
C LYS A 219 -0.76 24.06 -15.61
N ASP A 220 -0.81 25.32 -16.05
CA ASP A 220 0.26 26.27 -15.75
C ASP A 220 0.48 26.37 -14.24
N GLU A 221 -0.54 26.84 -13.49
CA GLU A 221 -0.44 27.03 -12.06
C GLU A 221 -1.71 26.50 -11.41
N GLU A 222 -1.92 25.20 -11.49
CA GLU A 222 -3.07 24.54 -10.90
C GLU A 222 -2.92 23.03 -11.07
N ASP A 223 -3.18 22.28 -10.02
CA ASP A 223 -3.17 20.82 -10.07
C ASP A 223 -4.50 20.29 -10.56
N LEU A 224 -4.44 19.27 -11.42
CA LEU A 224 -5.61 18.74 -12.09
C LEU A 224 -6.00 17.32 -11.65
N THR A 225 -5.43 16.84 -10.55
CA THR A 225 -5.76 15.50 -10.05
C THR A 225 -7.27 15.27 -10.02
N GLN A 226 -7.99 16.15 -9.32
CA GLN A 226 -9.42 15.94 -9.13
C GLN A 226 -10.21 16.24 -10.39
N ASP A 227 -9.63 16.95 -11.35
CA ASP A 227 -10.37 17.42 -12.52
C ASP A 227 -10.39 16.40 -13.66
N MET A 228 -9.35 15.58 -13.79
CA MET A 228 -9.19 14.78 -15.01
C MET A 228 -9.93 13.44 -14.89
N GLU A 229 -10.48 12.98 -16.01
CA GLU A 229 -11.16 11.69 -16.09
C GLU A 229 -10.24 10.64 -16.69
N LEU A 230 -10.10 9.51 -15.99
CA LEU A 230 -9.20 8.44 -16.39
C LEU A 230 -10.01 7.16 -16.60
N VAL A 231 -9.66 6.40 -17.63
CA VAL A 231 -10.25 5.07 -17.80
C VAL A 231 -9.19 4.03 -17.47
N GLU A 232 -9.68 2.88 -17.01
CA GLU A 232 -8.80 1.76 -16.70
C GLU A 232 -8.12 1.23 -17.95
N THR A 233 -6.80 0.99 -17.85
CA THR A 233 -6.03 0.44 -18.96
C THR A 233 -6.69 -0.81 -19.50
N ARG A 234 -6.76 -0.92 -20.83
CA ARG A 234 -7.63 -1.93 -21.44
C ARG A 234 -6.93 -2.63 -22.59
N PRO A 235 -7.19 -3.91 -22.80
CA PRO A 235 -6.52 -4.63 -23.89
C PRO A 235 -7.12 -4.27 -25.26
N SER A 236 -6.24 -4.01 -26.23
CA SER A 236 -6.72 -3.82 -27.59
C SER A 236 -7.03 -5.16 -28.25
N GLY A 237 -6.52 -6.25 -27.68
CA GLY A 237 -6.86 -7.58 -28.14
C GLY A 237 -5.83 -8.22 -29.04
N ASP A 238 -4.77 -7.50 -29.38
CA ASP A 238 -3.69 -7.97 -30.25
C ASP A 238 -2.34 -8.13 -29.53
N GLY A 239 -2.36 -8.20 -28.20
CA GLY A 239 -1.18 -8.18 -27.39
C GLY A 239 -0.86 -6.85 -26.74
N THR A 240 -1.26 -5.74 -27.37
CA THR A 240 -1.01 -4.40 -26.84
C THR A 240 -2.18 -3.87 -25.98
N PHE A 241 -1.93 -2.71 -25.37
CA PHE A 241 -2.88 -2.09 -24.47
C PHE A 241 -3.07 -0.62 -24.86
N GLN A 242 -4.10 0.00 -24.26
CA GLN A 242 -4.43 1.39 -24.57
C GLN A 242 -5.13 2.02 -23.37
N LYS A 243 -5.15 3.36 -23.35
CA LYS A 243 -5.66 4.13 -22.22
C LYS A 243 -5.83 5.58 -22.66
N TRP A 244 -6.70 6.32 -21.98
CA TRP A 244 -6.76 7.75 -22.21
C TRP A 244 -7.14 8.47 -20.92
N ALA A 245 -6.87 9.77 -20.92
CA ALA A 245 -7.17 10.65 -19.80
C ALA A 245 -7.65 11.98 -20.36
N ALA A 246 -8.67 12.56 -19.73
CA ALA A 246 -9.35 13.70 -20.33
C ALA A 246 -9.61 14.78 -19.27
N VAL A 247 -9.59 16.03 -19.71
CA VAL A 247 -9.96 17.19 -18.90
C VAL A 247 -10.86 18.09 -19.75
N VAL A 248 -11.73 18.83 -19.07
CA VAL A 248 -12.54 19.86 -19.70
C VAL A 248 -11.87 21.20 -19.43
N VAL A 249 -11.72 22.02 -20.47
CA VAL A 249 -10.97 23.28 -20.37
C VAL A 249 -11.69 24.35 -21.19
N PRO A 250 -11.56 25.60 -20.77
CA PRO A 250 -12.23 26.68 -21.52
C PRO A 250 -11.59 26.88 -22.90
N SER A 251 -12.44 27.21 -23.87
CA SER A 251 -11.96 27.45 -25.24
C SER A 251 -11.01 28.63 -25.25
N GLY A 252 -9.86 28.44 -25.90
CA GLY A 252 -8.83 29.45 -25.99
C GLY A 252 -7.62 29.18 -25.11
N GLU A 253 -7.75 28.31 -24.10
CA GLU A 253 -6.67 28.01 -23.18
C GLU A 253 -6.15 26.61 -23.37
N GLU A 254 -6.30 26.05 -24.58
CA GLU A 254 -5.91 24.65 -24.76
C GLU A 254 -4.41 24.46 -24.64
N GLN A 255 -3.62 25.48 -25.00
CA GLN A 255 -2.18 25.31 -25.11
C GLN A 255 -1.45 25.49 -23.79
N ARG A 256 -2.16 25.73 -22.69
CA ARG A 256 -1.55 25.74 -21.37
C ARG A 256 -1.64 24.40 -20.67
N TYR A 257 -2.23 23.39 -21.31
CA TYR A 257 -2.34 22.04 -20.75
C TYR A 257 -1.36 21.12 -21.45
N THR A 258 -0.81 20.18 -20.68
CA THR A 258 0.18 19.24 -21.22
C THR A 258 -0.08 17.85 -20.66
N CYS A 259 -0.05 16.85 -21.53
CA CYS A 259 -0.22 15.46 -21.14
C CYS A 259 1.14 14.79 -21.06
N TYR A 260 1.40 14.11 -19.94
CA TYR A 260 2.66 13.41 -19.72
C TYR A 260 2.40 11.90 -19.73
N VAL A 261 3.27 11.17 -20.40
CA VAL A 261 3.17 9.72 -20.51
C VAL A 261 4.44 9.11 -19.93
N HIS A 262 4.29 8.08 -19.10
CA HIS A 262 5.39 7.31 -18.53
C HIS A 262 5.20 5.84 -18.84
N HIS A 263 6.24 5.20 -19.35
CA HIS A 263 6.14 3.80 -19.72
C HIS A 263 7.54 3.23 -19.86
N GLU A 264 7.64 1.90 -19.63
CA GLU A 264 8.91 1.19 -19.65
C GLU A 264 9.68 1.43 -20.95
N GLY A 265 8.97 1.44 -22.08
CA GLY A 265 9.61 1.66 -23.35
C GLY A 265 10.11 3.07 -23.60
N LEU A 266 9.90 3.99 -22.65
CA LEU A 266 10.32 5.39 -22.79
C LEU A 266 11.47 5.66 -21.83
N THR A 267 12.58 6.15 -22.37
CA THR A 267 13.70 6.55 -21.52
C THR A 267 13.45 7.89 -20.81
N GLU A 268 12.46 8.65 -21.26
CA GLU A 268 12.04 9.86 -20.58
C GLU A 268 10.54 10.02 -20.78
N PRO A 269 9.85 10.69 -19.86
CA PRO A 269 8.41 10.90 -20.03
C PRO A 269 8.11 11.71 -21.29
N LEU A 270 7.12 11.22 -22.05
CA LEU A 270 6.67 11.93 -23.25
C LEU A 270 5.74 13.08 -22.87
N ALA A 271 5.79 14.16 -23.66
CA ALA A 271 4.97 15.33 -23.42
C ALA A 271 4.18 15.65 -24.69
N LEU A 272 2.91 16.03 -24.51
CA LEU A 272 1.99 16.28 -25.61
C LEU A 272 1.08 17.46 -25.31
N LYS A 273 0.83 18.27 -26.34
CA LYS A 273 -0.14 19.35 -26.29
C LYS A 273 -1.07 19.20 -27.49
N TRP A 274 -2.23 19.86 -27.40
CA TRP A 274 -3.21 19.78 -28.47
C TRP A 274 -2.64 20.33 -29.77
N ARG A 275 -2.79 19.56 -30.85
CA ARG A 275 -2.38 19.99 -32.18
C ARG A 275 -0.91 20.34 -32.21
N ILE B 1 -18.95 -9.79 -0.08
CA ILE B 1 -18.59 -9.22 -1.40
C ILE B 1 -19.73 -9.42 -2.39
N GLN B 2 -19.92 -8.45 -3.28
CA GLN B 2 -20.91 -8.47 -4.34
C GLN B 2 -20.63 -7.24 -5.20
N LYS B 3 -19.70 -7.35 -6.14
CA LYS B 3 -19.13 -6.22 -6.85
C LYS B 3 -19.76 -6.07 -8.21
N THR B 4 -20.02 -4.79 -8.61
CA THR B 4 -20.76 -4.43 -9.82
C THR B 4 -19.81 -4.22 -10.98
N PRO B 5 -20.15 -4.69 -12.17
CA PRO B 5 -19.21 -4.55 -13.27
C PRO B 5 -19.09 -3.11 -13.76
N GLN B 6 -17.88 -2.77 -14.21
CA GLN B 6 -17.61 -1.53 -14.92
C GLN B 6 -17.41 -1.93 -16.37
N ILE B 7 -17.91 -1.10 -17.29
CA ILE B 7 -17.96 -1.46 -18.70
C ILE B 7 -17.35 -0.37 -19.55
N GLN B 8 -16.50 -0.75 -20.52
CA GLN B 8 -16.00 0.17 -21.53
C GLN B 8 -16.14 -0.49 -22.90
N VAL B 9 -16.53 0.32 -23.90
CA VAL B 9 -16.73 -0.15 -25.27
C VAL B 9 -15.84 0.68 -26.17
N TYR B 10 -15.02 0.00 -26.98
CA TYR B 10 -14.00 0.72 -27.75
C TYR B 10 -13.43 -0.16 -28.86
N SER B 11 -12.90 0.48 -29.90
CA SER B 11 -12.29 -0.23 -31.03
C SER B 11 -10.81 -0.52 -30.81
N ARG B 12 -10.34 -1.62 -31.41
CA ARG B 12 -8.95 -2.02 -31.26
C ARG B 12 -8.01 -0.95 -31.79
N HIS B 13 -8.30 -0.46 -33.02
CA HIS B 13 -7.58 0.61 -33.66
C HIS B 13 -8.43 1.87 -33.72
N PRO B 14 -7.82 3.05 -33.76
CA PRO B 14 -8.60 4.28 -33.96
C PRO B 14 -9.49 4.16 -35.18
N PRO B 15 -10.78 4.41 -35.03
CA PRO B 15 -11.73 4.03 -36.09
C PRO B 15 -11.60 4.92 -37.30
N GLU B 16 -11.84 4.33 -38.48
CA GLU B 16 -11.96 5.07 -39.72
C GLU B 16 -13.11 4.47 -40.52
N ASN B 17 -14.13 5.28 -40.80
CA ASN B 17 -15.35 4.79 -41.43
C ASN B 17 -15.04 3.87 -42.61
N GLY B 18 -15.78 2.77 -42.67
CA GLY B 18 -15.63 1.84 -43.77
C GLY B 18 -14.38 0.99 -43.74
N LYS B 19 -13.67 0.97 -42.62
CA LYS B 19 -12.43 0.20 -42.52
C LYS B 19 -12.61 -0.93 -41.52
N PRO B 20 -12.39 -2.20 -41.92
CA PRO B 20 -12.53 -3.30 -40.95
C PRO B 20 -11.72 -3.08 -39.68
N ASN B 21 -12.31 -3.46 -38.55
CA ASN B 21 -11.74 -3.14 -37.25
C ASN B 21 -12.25 -4.19 -36.29
N ILE B 22 -11.94 -4.01 -35.02
CA ILE B 22 -12.39 -4.92 -33.97
C ILE B 22 -13.01 -4.06 -32.90
N LEU B 23 -14.19 -4.48 -32.40
CA LEU B 23 -14.94 -3.79 -31.35
C LEU B 23 -14.81 -4.60 -30.10
N ASN B 24 -14.41 -3.94 -29.01
CA ASN B 24 -14.16 -4.57 -27.72
C ASN B 24 -15.17 -4.10 -26.70
N CYS B 25 -15.58 -5.01 -25.82
CA CYS B 25 -16.40 -4.69 -24.65
C CYS B 25 -15.63 -5.27 -23.47
N TYR B 26 -14.93 -4.40 -22.72
CA TYR B 26 -14.10 -4.79 -21.58
C TYR B 26 -14.88 -4.58 -20.29
N VAL B 27 -15.08 -5.67 -19.54
CA VAL B 27 -15.90 -5.66 -18.33
C VAL B 27 -15.05 -6.08 -17.16
N THR B 28 -15.07 -5.28 -16.08
CA THR B 28 -14.08 -5.41 -15.03
C THR B 28 -14.77 -5.18 -13.71
N GLN B 29 -14.09 -5.58 -12.64
CA GLN B 29 -14.42 -5.19 -11.26
C GLN B 29 -15.67 -5.87 -10.69
N PHE B 30 -15.99 -7.08 -11.17
CA PHE B 30 -17.20 -7.76 -10.72
C PHE B 30 -16.87 -9.03 -9.92
N HIS B 31 -17.80 -9.41 -9.07
CA HIS B 31 -17.69 -10.61 -8.25
C HIS B 31 -19.09 -10.94 -7.76
N PRO B 32 -19.57 -12.20 -7.87
CA PRO B 32 -19.00 -13.47 -8.39
C PRO B 32 -18.72 -13.45 -9.86
N PRO B 33 -18.08 -14.49 -10.40
CA PRO B 33 -17.61 -14.43 -11.80
C PRO B 33 -18.71 -14.65 -12.87
N HIS B 34 -19.90 -15.10 -12.48
CA HIS B 34 -20.94 -15.36 -13.48
C HIS B 34 -21.39 -14.05 -14.12
N ILE B 35 -21.39 -14.00 -15.45
CA ILE B 35 -21.81 -12.76 -16.11
C ILE B 35 -22.36 -13.10 -17.48
N GLU B 36 -23.23 -12.22 -18.02
CA GLU B 36 -23.79 -12.39 -19.35
C GLU B 36 -23.50 -11.15 -20.18
N ILE B 37 -22.95 -11.33 -21.36
CA ILE B 37 -22.51 -10.20 -22.17
C ILE B 37 -23.01 -10.47 -23.58
N GLN B 38 -23.61 -9.42 -24.21
CA GLN B 38 -24.04 -9.48 -25.60
C GLN B 38 -23.66 -8.20 -26.32
N MET B 39 -23.43 -8.29 -27.60
CA MET B 39 -23.09 -7.15 -28.44
C MET B 39 -24.11 -7.04 -29.57
N LEU B 40 -24.48 -5.81 -29.91
CA LEU B 40 -25.63 -5.53 -30.78
C LEU B 40 -25.25 -4.45 -31.77
N LYS B 41 -25.69 -4.60 -33.01
CA LYS B 41 -25.52 -3.59 -34.05
C LYS B 41 -26.90 -3.17 -34.56
N ASN B 42 -27.22 -1.89 -34.40
CA ASN B 42 -28.50 -1.35 -34.87
C ASN B 42 -29.68 -2.15 -34.32
N GLY B 43 -29.60 -2.52 -33.04
CA GLY B 43 -30.65 -3.26 -32.39
C GLY B 43 -30.65 -4.76 -32.60
N LYS B 44 -29.72 -5.31 -33.40
CA LYS B 44 -29.67 -6.74 -33.66
C LYS B 44 -28.49 -7.41 -32.97
N LYS B 45 -28.77 -8.48 -32.23
CA LYS B 45 -27.72 -9.24 -31.54
C LYS B 45 -26.70 -9.78 -32.52
N ILE B 46 -25.44 -9.49 -32.30
CA ILE B 46 -24.39 -9.98 -33.20
C ILE B 46 -24.11 -11.45 -32.89
N PRO B 47 -24.14 -12.34 -33.90
CA PRO B 47 -23.91 -13.76 -33.62
C PRO B 47 -22.45 -14.11 -33.34
N LYS B 48 -21.54 -13.40 -34.00
CA LYS B 48 -20.11 -13.72 -33.94
C LYS B 48 -19.42 -12.84 -32.90
N VAL B 49 -19.47 -13.28 -31.66
CA VAL B 49 -18.84 -12.57 -30.53
C VAL B 49 -17.94 -13.56 -29.80
N GLU B 50 -16.63 -13.30 -29.83
CA GLU B 50 -15.66 -14.15 -29.15
C GLU B 50 -15.36 -13.59 -27.75
N MET B 51 -15.12 -14.51 -26.82
CA MET B 51 -14.87 -14.16 -25.43
C MET B 51 -13.50 -14.68 -24.99
N SER B 52 -12.71 -13.80 -24.37
CA SER B 52 -11.48 -14.23 -23.75
C SER B 52 -11.82 -15.09 -22.53
N ASP B 53 -10.81 -15.82 -22.05
CA ASP B 53 -10.97 -16.48 -20.77
C ASP B 53 -11.14 -15.41 -19.71
N MET B 54 -11.90 -15.74 -18.67
CA MET B 54 -12.02 -14.85 -17.53
C MET B 54 -10.79 -14.99 -16.62
N SER B 55 -10.36 -13.84 -16.07
CA SER B 55 -9.26 -13.81 -15.12
C SER B 55 -9.63 -12.91 -13.95
N PHE B 56 -8.69 -12.60 -13.04
CA PHE B 56 -9.00 -11.71 -11.94
C PHE B 56 -7.76 -10.93 -11.57
N SER B 57 -8.00 -9.84 -10.83
CA SER B 57 -6.99 -8.81 -10.57
C SER B 57 -6.47 -8.90 -9.13
N LYS B 58 -5.69 -7.88 -8.73
CA LYS B 58 -5.04 -7.92 -7.43
C LYS B 58 -6.09 -7.93 -6.32
N ASP B 59 -7.20 -7.22 -6.51
CA ASP B 59 -8.25 -7.17 -5.51
C ASP B 59 -9.25 -8.33 -5.63
N TRP B 60 -8.95 -9.33 -6.41
CA TRP B 60 -9.71 -10.54 -6.61
C TRP B 60 -10.92 -10.36 -7.53
N SER B 61 -11.22 -9.14 -7.96
CA SER B 61 -12.34 -8.92 -8.88
C SER B 61 -11.99 -9.50 -10.25
N PHE B 62 -13.02 -9.93 -10.97
CA PHE B 62 -12.83 -10.58 -12.27
C PHE B 62 -12.88 -9.57 -13.45
N TYR B 63 -12.37 -10.03 -14.58
CA TYR B 63 -12.42 -9.23 -15.79
C TYR B 63 -12.43 -10.17 -16.98
N ILE B 64 -12.99 -9.68 -18.09
CA ILE B 64 -13.12 -10.47 -19.31
C ILE B 64 -13.33 -9.53 -20.46
N LEU B 65 -12.97 -9.98 -21.67
CA LEU B 65 -13.01 -9.17 -22.88
C LEU B 65 -13.86 -9.91 -23.92
N ALA B 66 -14.88 -9.22 -24.42
CA ALA B 66 -15.68 -9.69 -25.54
C ALA B 66 -15.35 -8.84 -26.77
N HIS B 67 -15.36 -9.44 -27.95
CA HIS B 67 -14.96 -8.69 -29.12
C HIS B 67 -15.54 -9.34 -30.35
N THR B 68 -15.72 -8.50 -31.36
CA THR B 68 -16.23 -8.95 -32.64
C THR B 68 -15.67 -8.06 -33.75
N GLU B 69 -15.69 -8.58 -34.98
CA GLU B 69 -15.27 -7.79 -36.14
C GLU B 69 -16.34 -6.77 -36.50
N PHE B 70 -15.92 -5.55 -36.82
CA PHE B 70 -16.89 -4.56 -37.26
C PHE B 70 -16.25 -3.52 -38.16
N THR B 71 -17.06 -2.92 -39.03
CA THR B 71 -16.64 -1.83 -39.90
C THR B 71 -17.40 -0.58 -39.45
N PRO B 72 -16.74 0.42 -38.89
CA PRO B 72 -17.47 1.62 -38.45
C PRO B 72 -18.02 2.38 -39.63
N THR B 73 -19.09 3.13 -39.38
CA THR B 73 -19.71 3.99 -40.38
C THR B 73 -20.23 5.21 -39.64
N GLU B 74 -20.81 6.15 -40.39
CA GLU B 74 -21.45 7.30 -39.74
C GLU B 74 -22.92 7.07 -39.41
N THR B 75 -23.47 5.89 -39.71
CA THR B 75 -24.90 5.66 -39.51
C THR B 75 -25.22 4.34 -38.82
N ASP B 76 -24.24 3.71 -38.18
CA ASP B 76 -24.46 2.44 -37.50
C ASP B 76 -24.22 2.59 -36.01
N THR B 77 -25.05 1.95 -35.19
CA THR B 77 -24.93 2.00 -33.74
C THR B 77 -24.49 0.63 -33.22
N TYR B 78 -23.61 0.64 -32.22
CA TYR B 78 -23.12 -0.58 -31.58
C TYR B 78 -23.24 -0.48 -30.07
N ALA B 79 -23.66 -1.55 -29.43
CA ALA B 79 -23.79 -1.56 -27.99
C ALA B 79 -23.31 -2.89 -27.39
N CYS B 80 -22.94 -2.81 -26.12
CA CYS B 80 -22.68 -3.96 -25.28
C CYS B 80 -23.69 -3.97 -24.15
N ARG B 81 -24.34 -5.10 -23.90
CA ARG B 81 -25.31 -5.22 -22.81
C ARG B 81 -24.85 -6.27 -21.82
N VAL B 82 -24.96 -5.99 -20.51
CA VAL B 82 -24.23 -6.79 -19.51
C VAL B 82 -25.19 -7.01 -18.37
N LYS B 83 -25.25 -8.23 -17.85
CA LYS B 83 -26.08 -8.56 -16.71
C LYS B 83 -25.21 -9.31 -15.70
N HIS B 84 -25.27 -8.91 -14.44
CA HIS B 84 -24.52 -9.53 -13.37
C HIS B 84 -25.49 -9.61 -12.21
N ASP B 85 -25.26 -10.56 -11.29
CA ASP B 85 -26.16 -10.76 -10.16
C ASP B 85 -26.24 -9.59 -9.21
N SER B 86 -25.27 -8.67 -9.26
CA SER B 86 -25.32 -7.47 -8.46
C SER B 86 -26.26 -6.41 -9.03
N MET B 87 -26.70 -6.59 -10.27
CA MET B 87 -27.57 -5.66 -10.97
C MET B 87 -29.03 -6.17 -10.96
N ALA B 88 -29.97 -5.27 -10.70
CA ALA B 88 -31.37 -5.61 -10.82
C ALA B 88 -31.77 -5.83 -12.27
N GLU B 89 -31.12 -5.15 -13.22
CA GLU B 89 -31.53 -5.14 -14.61
C GLU B 89 -30.27 -5.06 -15.44
N PRO B 90 -30.35 -5.43 -16.72
CA PRO B 90 -29.17 -5.28 -17.58
C PRO B 90 -28.81 -3.83 -17.85
N LYS B 91 -27.55 -3.61 -18.18
CA LYS B 91 -27.03 -2.28 -18.48
C LYS B 91 -26.45 -2.30 -19.89
N THR B 92 -26.90 -1.38 -20.73
CA THR B 92 -26.41 -1.25 -22.10
C THR B 92 -25.50 -0.05 -22.19
N VAL B 93 -24.33 -0.23 -22.86
CA VAL B 93 -23.37 0.84 -23.11
C VAL B 93 -23.12 0.92 -24.60
N TYR B 94 -23.31 2.09 -25.17
CA TYR B 94 -23.13 2.32 -26.59
C TYR B 94 -21.72 2.79 -26.92
N TRP B 95 -21.22 2.37 -28.09
CA TRP B 95 -19.91 2.77 -28.55
C TRP B 95 -19.95 4.24 -28.93
N ASP B 96 -18.89 4.96 -28.56
CA ASP B 96 -18.68 6.36 -28.89
C ASP B 96 -17.30 6.47 -29.51
N ARG B 97 -17.25 6.88 -30.77
CA ARG B 97 -15.98 6.90 -31.50
C ARG B 97 -14.98 7.91 -30.92
N ASP B 98 -15.39 8.74 -29.98
CA ASP B 98 -14.49 9.65 -29.29
C ASP B 98 -13.85 9.04 -28.04
N MET B 99 -14.28 7.87 -27.62
CA MET B 99 -13.84 7.31 -26.36
C MET B 99 -13.36 5.84 -26.50
N FME C 1 0.91 -24.35 -11.12
CN FME C 1 0.85 -23.21 -10.44
O1 FME C 1 -0.11 -22.93 -9.73
CA FME C 1 -0.07 -25.44 -10.98
CB FME C 1 -0.06 -26.42 -12.16
CG FME C 1 -0.49 -25.68 -13.43
SD FME C 1 -2.21 -24.97 -13.39
CE FME C 1 -3.14 -26.34 -13.45
C FME C 1 0.24 -26.21 -9.67
O FME C 1 0.74 -27.37 -9.61
H FME C 1 1.65 -24.50 -11.76
HCN FME C 1 1.74 -22.55 -10.57
HA FME C 1 -1.13 -25.05 -10.92
HB2 FME C 1 -0.75 -27.27 -11.93
HB3 FME C 1 0.97 -26.85 -12.27
HG2 FME C 1 -0.42 -26.37 -14.30
HG3 FME C 1 0.22 -24.83 -13.61
HE1 FME C 1 -4.20 -25.99 -13.42
HE2 FME C 1 -2.86 -26.94 -12.56
HE3 FME C 1 -2.88 -26.84 -14.41
N PHE C 2 -0.18 -25.56 -8.58
CA PHE C 2 0.10 -26.00 -7.23
C PHE C 2 -1.01 -25.53 -6.29
N PHE C 3 -1.41 -26.40 -5.36
CA PHE C 3 -2.51 -26.13 -4.46
C PHE C 3 -2.13 -26.59 -3.06
N ILE C 4 -2.53 -25.81 -2.09
CA ILE C 4 -2.28 -26.10 -0.68
C ILE C 4 -3.61 -26.32 0.01
N ASN C 5 -3.69 -27.32 0.86
CA ASN C 5 -4.94 -27.63 1.54
C ASN C 5 -5.17 -26.64 2.67
N ILE C 6 -6.32 -25.96 2.62
CA ILE C 6 -6.65 -24.90 3.58
C ILE C 6 -6.94 -25.50 4.96
N LEU C 7 -7.87 -26.42 5.03
CA LEU C 7 -8.26 -27.02 6.31
C LEU C 7 -8.39 -28.53 6.17
N GLY D 1 -11.34 3.60 9.21
CA GLY D 1 -10.94 4.07 7.84
C GLY D 1 -10.79 5.58 7.77
N SER D 2 -10.56 6.21 8.93
CA SER D 2 -10.30 7.64 8.96
C SER D 2 -8.85 7.93 8.58
N HIS D 3 -8.63 9.18 8.13
CA HIS D 3 -7.30 9.57 7.66
C HIS D 3 -6.97 10.98 8.15
N SER D 4 -5.67 11.24 8.32
CA SER D 4 -5.17 12.47 8.90
C SER D 4 -3.98 12.96 8.09
N LEU D 5 -3.93 14.27 7.90
CA LEU D 5 -2.75 14.96 7.42
C LEU D 5 -2.14 15.61 8.67
N ARG D 6 -0.89 15.33 8.96
CA ARG D 6 -0.22 15.87 10.14
C ARG D 6 1.13 16.47 9.84
N TYR D 7 1.41 17.61 10.49
CA TYR D 7 2.68 18.31 10.33
C TYR D 7 3.30 18.50 11.73
N PHE D 8 4.59 18.23 11.87
CA PHE D 8 5.29 18.32 13.15
C PHE D 8 6.42 19.32 12.95
N HIS D 9 6.26 20.50 13.59
CA HIS D 9 7.15 21.64 13.43
C HIS D 9 8.08 21.85 14.65
N THR D 10 9.34 22.13 14.35
CA THR D 10 10.30 22.40 15.42
C THR D 10 11.16 23.62 15.10
N ALA D 11 11.22 24.56 16.05
CA ALA D 11 12.07 25.72 15.92
C ALA D 11 13.07 25.71 17.06
N VAL D 12 14.32 26.02 16.72
CA VAL D 12 15.45 25.89 17.63
C VAL D 12 16.19 27.22 17.71
N SER D 13 16.34 27.76 18.92
CA SER D 13 16.96 29.07 19.03
C SER D 13 18.46 29.03 18.79
N ARG D 14 19.12 27.95 19.14
CA ARG D 14 20.59 27.91 19.16
C ARG D 14 21.10 26.69 18.42
N PRO D 15 20.94 26.64 17.12
CA PRO D 15 21.33 25.45 16.36
C PRO D 15 22.80 25.49 16.00
N GLY D 16 23.38 24.30 15.84
CA GLY D 16 24.75 24.22 15.42
C GLY D 16 24.91 24.75 14.01
N ARG D 17 26.11 25.24 13.71
CA ARG D 17 26.43 25.68 12.36
C ARG D 17 26.15 24.55 11.38
N GLY D 18 25.38 24.86 10.34
CA GLY D 18 24.97 23.84 9.40
C GLY D 18 23.82 22.97 9.85
N GLU D 19 23.19 23.29 10.98
CA GLU D 19 21.98 22.61 11.41
C GLU D 19 20.79 23.58 11.34
N PRO D 20 19.58 23.06 11.13
CA PRO D 20 18.44 23.94 10.85
C PRO D 20 17.94 24.68 12.06
N GLN D 21 17.62 25.97 11.84
CA GLN D 21 16.84 26.74 12.82
C GLN D 21 15.38 26.30 12.83
N TYR D 22 14.90 25.72 11.75
CA TYR D 22 13.52 25.26 11.62
C TYR D 22 13.46 23.96 10.84
N ILE D 23 12.63 23.03 11.29
CA ILE D 23 12.38 21.79 10.55
C ILE D 23 10.91 21.39 10.73
N SER D 24 10.31 20.89 9.65
CA SER D 24 8.99 20.31 9.71
C SER D 24 8.95 19.02 8.91
N VAL D 25 8.27 18.03 9.45
CA VAL D 25 8.02 16.82 8.69
C VAL D 25 6.52 16.60 8.57
N GLY D 26 6.06 16.08 7.45
CA GLY D 26 4.64 15.91 7.22
C GLY D 26 4.31 14.45 7.00
N TYR D 27 3.18 14.00 7.55
CA TYR D 27 2.72 12.63 7.44
C TYR D 27 1.25 12.57 6.97
N VAL D 28 0.92 11.64 6.09
CA VAL D 28 -0.44 11.17 5.93
C VAL D 28 -0.50 9.87 6.71
N ASP D 29 -1.35 9.80 7.74
CA ASP D 29 -1.43 8.63 8.61
C ASP D 29 -0.04 8.29 9.11
N ASP D 30 0.46 7.07 8.89
CA ASP D 30 1.79 6.69 9.38
C ASP D 30 2.86 6.65 8.28
N VAL D 31 2.71 7.41 7.22
CA VAL D 31 3.70 7.52 6.15
C VAL D 31 4.16 8.98 5.98
N GLN D 32 5.45 9.23 6.18
CA GLN D 32 6.01 10.55 5.93
C GLN D 32 6.04 10.83 4.44
N PHE D 33 5.66 12.05 4.05
CA PHE D 33 5.77 12.46 2.66
C PHE D 33 6.77 13.59 2.39
N GLN D 34 7.25 14.30 3.41
CA GLN D 34 8.21 15.37 3.13
C GLN D 34 8.95 15.82 4.38
N ARG D 35 10.10 16.43 4.13
CA ARG D 35 10.89 17.11 5.13
C ARG D 35 11.22 18.51 4.62
N CYS D 36 10.91 19.53 5.40
CA CYS D 36 11.34 20.90 5.14
C CYS D 36 12.23 21.41 6.26
N ASP D 37 13.22 22.21 5.91
CA ASP D 37 13.97 22.91 6.95
C ASP D 37 14.50 24.24 6.44
N SER D 38 15.01 25.03 7.39
CA SER D 38 15.68 26.29 7.10
C SER D 38 17.01 26.33 7.82
N ILE D 39 18.09 26.59 7.08
CA ILE D 39 19.44 26.59 7.62
C ILE D 39 20.10 27.89 7.20
N GLU D 40 20.40 28.74 8.16
CA GLU D 40 20.94 30.07 7.88
C GLU D 40 20.05 30.81 6.90
N GLU D 41 18.73 30.69 7.08
CA GLU D 41 17.70 31.34 6.28
C GLU D 41 17.57 30.75 4.89
N ILE D 42 18.24 29.64 4.61
CA ILE D 42 18.18 28.97 3.31
C ILE D 42 17.17 27.81 3.43
N PRO D 43 16.05 27.88 2.75
CA PRO D 43 15.06 26.80 2.85
C PRO D 43 15.37 25.67 1.89
N ARG D 44 15.10 24.45 2.35
CA ARG D 44 15.28 23.26 1.53
C ARG D 44 14.12 22.28 1.72
N MET D 45 13.74 21.61 0.64
CA MET D 45 12.59 20.72 0.63
C MET D 45 12.98 19.39 0.02
N GLU D 46 12.58 18.31 0.67
CA GLU D 46 12.88 16.97 0.14
C GLU D 46 11.64 16.06 0.22
N PRO D 47 11.28 15.40 -0.87
CA PRO D 47 10.16 14.45 -0.81
C PRO D 47 10.57 13.19 -0.08
N ARG D 48 9.57 12.50 0.49
CA ARG D 48 9.82 11.27 1.24
C ARG D 48 8.92 10.11 0.85
N ALA D 49 7.94 10.32 -0.01
CA ALA D 49 7.00 9.28 -0.43
C ALA D 49 6.88 9.35 -1.94
N PRO D 50 6.57 8.21 -2.58
CA PRO D 50 6.49 8.21 -4.04
C PRO D 50 5.46 9.16 -4.62
N TRP D 51 4.31 9.35 -3.97
CA TRP D 51 3.24 10.08 -4.64
C TRP D 51 3.57 11.56 -4.75
N MET D 52 4.64 12.00 -4.11
CA MET D 52 5.02 13.41 -4.19
C MET D 52 5.67 13.72 -5.54
N GLU D 53 6.09 12.69 -6.28
CA GLU D 53 6.63 12.94 -7.61
C GLU D 53 5.56 13.42 -8.58
N LYS D 54 4.28 13.24 -8.24
CA LYS D 54 3.20 13.76 -9.08
C LYS D 54 2.84 15.23 -8.80
N GLU D 55 3.45 15.84 -7.80
CA GLU D 55 3.15 17.24 -7.50
C GLU D 55 3.77 18.14 -8.56
N ARG D 56 3.01 19.15 -8.99
CA ARG D 56 3.48 20.07 -10.01
C ARG D 56 4.55 20.98 -9.41
N PRO D 57 5.36 21.59 -10.26
CA PRO D 57 6.43 22.48 -9.74
C PRO D 57 5.94 23.57 -8.82
N GLU D 58 4.78 24.14 -9.09
CA GLU D 58 4.27 25.23 -8.27
C GLU D 58 4.16 24.81 -6.82
N TYR D 59 3.75 23.56 -6.58
CA TYR D 59 3.63 23.06 -5.21
C TYR D 59 4.89 23.31 -4.40
N TRP D 60 6.05 23.01 -5.00
CA TRP D 60 7.32 23.23 -4.34
C TRP D 60 7.70 24.69 -4.29
N LYS D 61 7.38 25.45 -5.33
CA LYS D 61 7.68 26.88 -5.32
C LYS D 61 6.97 27.59 -4.17
N GLU D 62 5.68 27.27 -3.98
CA GLU D 62 4.92 27.91 -2.91
C GLU D 62 5.29 27.37 -1.53
N LEU D 63 5.62 26.10 -1.44
CA LEU D 63 6.06 25.55 -0.17
C LEU D 63 7.35 26.20 0.31
N LYS D 64 8.29 26.44 -0.61
CA LYS D 64 9.50 27.19 -0.29
C LYS D 64 9.20 28.54 0.34
N LEU D 65 8.22 29.28 -0.21
CA LEU D 65 7.89 30.58 0.35
C LEU D 65 7.29 30.45 1.75
N LYS D 66 6.46 29.44 1.96
CA LYS D 66 5.88 29.23 3.28
C LYS D 66 6.93 28.84 4.32
N VAL D 67 7.95 28.10 3.90
CA VAL D 67 9.01 27.72 4.82
C VAL D 67 9.77 28.96 5.29
N LYS D 68 10.14 29.81 4.34
CA LYS D 68 10.87 31.03 4.66
C LYS D 68 10.05 31.95 5.57
N ASN D 69 8.75 32.07 5.33
CA ASN D 69 7.92 32.93 6.18
C ASN D 69 7.70 32.31 7.55
N ILE D 70 7.47 31.02 7.60
CA ILE D 70 7.28 30.37 8.89
C ILE D 70 8.56 30.38 9.71
N ALA D 71 9.70 30.11 9.05
CA ALA D 71 10.95 30.13 9.80
C ALA D 71 11.19 31.51 10.41
N GLN D 72 10.88 32.58 9.65
CA GLN D 72 11.07 33.93 10.18
C GLN D 72 10.21 34.16 11.42
N SER D 73 8.92 33.80 11.32
CA SER D 73 7.98 34.12 12.39
C SER D 73 8.28 33.31 13.65
N ALA D 74 8.58 32.01 13.47
CA ALA D 74 8.87 31.13 14.62
C ALA D 74 10.10 31.62 15.38
N ARG D 75 11.14 32.05 14.66
CA ARG D 75 12.32 32.61 15.31
C ARG D 75 11.98 33.84 16.16
N ALA D 76 11.07 34.70 15.68
CA ALA D 76 10.71 35.88 16.45
C ALA D 76 9.90 35.49 17.68
N ASN D 77 9.04 34.49 17.55
CA ASN D 77 8.24 34.06 18.69
C ASN D 77 9.10 33.41 19.78
N LEU D 78 10.12 32.65 19.42
CA LEU D 78 11.02 32.07 20.41
C LEU D 78 11.66 33.15 21.24
N ARG D 79 12.17 34.21 20.59
CA ARG D 79 12.76 35.34 21.31
C ARG D 79 11.77 36.02 22.25
N THR D 80 10.51 36.13 21.84
CA THR D 80 9.54 36.79 22.69
C THR D 80 9.21 35.91 23.88
N LEU D 81 9.14 34.60 23.67
CA LEU D 81 8.88 33.69 24.79
C LEU D 81 9.99 33.79 25.82
N LEU D 82 11.23 33.96 25.37
CA LEU D 82 12.33 34.12 26.31
C LEU D 82 12.11 35.31 27.22
N ARG D 83 11.56 36.42 26.67
CA ARG D 83 11.37 37.63 27.45
C ARG D 83 10.22 37.47 28.44
N TYR D 84 9.10 36.87 27.99
CA TYR D 84 7.93 36.77 28.85
C TYR D 84 8.15 35.83 30.03
N TYR D 85 8.99 34.80 29.88
CA TYR D 85 9.34 33.94 30.99
C TYR D 85 10.58 34.44 31.73
N ASN D 86 11.02 35.67 31.45
CA ASN D 86 12.19 36.27 32.09
C ASN D 86 13.36 35.29 32.13
N GLN D 87 13.66 34.72 30.96
CA GLN D 87 14.72 33.72 30.85
C GLN D 87 15.98 34.33 30.29
N SER D 88 17.11 33.69 30.59
CA SER D 88 18.42 34.23 30.25
C SER D 88 18.65 34.23 28.75
N GLU D 89 19.47 35.16 28.29
CA GLU D 89 19.78 35.33 26.88
C GLU D 89 20.65 34.21 26.32
N GLY D 90 21.22 33.36 27.19
CA GLY D 90 22.17 32.38 26.74
C GLY D 90 21.72 30.94 26.55
N GLY D 91 20.44 30.66 26.73
CA GLY D 91 19.98 29.30 26.66
C GLY D 91 19.58 28.84 25.25
N SER D 92 19.59 27.52 25.05
CA SER D 92 19.03 26.89 23.87
C SER D 92 17.60 26.44 24.18
N HIS D 93 16.63 26.97 23.42
CA HIS D 93 15.22 26.74 23.68
C HIS D 93 14.54 26.21 22.41
N ILE D 94 13.34 25.67 22.58
CA ILE D 94 12.68 24.84 21.56
C ILE D 94 11.21 25.23 21.50
N LEU D 95 10.77 25.57 20.30
CA LEU D 95 9.35 25.80 20.04
C LEU D 95 8.80 24.72 19.12
N GLN D 96 7.73 24.09 19.54
CA GLN D 96 7.13 23.02 18.77
C GLN D 96 5.63 23.27 18.61
N TRP D 97 5.10 22.84 17.46
CA TRP D 97 3.66 22.86 17.29
C TRP D 97 3.26 21.74 16.32
N MET D 98 2.02 21.32 16.42
CA MET D 98 1.47 20.23 15.62
C MET D 98 0.21 20.76 14.93
N VAL D 99 0.11 20.54 13.61
CA VAL D 99 -1.04 20.97 12.82
C VAL D 99 -1.61 19.74 12.10
N SER D 100 -2.92 19.52 12.20
CA SER D 100 -3.55 18.35 11.56
C SER D 100 -5.02 18.64 11.22
N CYS D 101 -5.47 17.95 10.17
CA CYS D 101 -6.89 17.78 9.86
C CYS D 101 -7.17 16.29 9.71
N GLU D 102 -8.43 15.93 9.96
CA GLU D 102 -8.87 14.53 9.89
C GLU D 102 -10.24 14.43 9.22
N VAL D 103 -10.40 13.40 8.37
CA VAL D 103 -11.68 13.02 7.79
C VAL D 103 -12.04 11.63 8.28
N GLY D 104 -13.34 11.40 8.39
CA GLY D 104 -13.83 10.12 8.81
C GLY D 104 -13.96 9.14 7.68
N PRO D 105 -14.60 7.98 7.94
CA PRO D 105 -14.78 7.00 6.85
C PRO D 105 -15.57 7.52 5.68
N ASP D 106 -16.60 8.36 5.94
CA ASP D 106 -17.36 9.00 4.87
C ASP D 106 -16.57 10.05 4.12
N MET D 107 -15.30 10.25 4.46
CA MET D 107 -14.40 11.22 3.82
C MET D 107 -14.81 12.65 4.06
N ARG D 108 -15.73 12.91 4.99
CA ARG D 108 -16.08 14.26 5.42
C ARG D 108 -15.14 14.74 6.52
N LEU D 109 -14.96 16.05 6.58
CA LEU D 109 -14.20 16.67 7.66
C LEU D 109 -14.73 16.20 9.01
N LEU D 110 -13.82 15.76 9.86
CA LEU D 110 -14.16 15.19 11.16
C LEU D 110 -13.60 16.01 12.32
N GLY D 111 -12.39 16.54 12.19
CA GLY D 111 -11.79 17.32 13.26
C GLY D 111 -10.47 17.88 12.81
N ALA D 112 -9.89 18.72 13.66
CA ALA D 112 -8.60 19.32 13.34
C ALA D 112 -7.90 19.71 14.63
N HIS D 113 -6.59 19.91 14.52
CA HIS D 113 -5.81 20.29 15.70
C HIS D 113 -4.74 21.34 15.42
N TYR D 114 -4.54 22.21 16.41
CA TYR D 114 -3.44 23.16 16.39
C TYR D 114 -3.02 23.28 17.83
N GLN D 115 -1.78 22.90 18.13
CA GLN D 115 -1.27 23.03 19.48
C GLN D 115 0.24 23.25 19.48
N ALA D 116 0.74 23.88 20.55
CA ALA D 116 2.10 24.36 20.61
C ALA D 116 2.67 24.00 21.97
N ALA D 117 4.00 23.88 22.00
CA ALA D 117 4.71 23.53 23.21
C ALA D 117 5.98 24.36 23.27
N TYR D 118 6.33 24.80 24.48
CA TYR D 118 7.56 25.56 24.73
C TYR D 118 8.46 24.74 25.63
N ASP D 119 9.68 24.48 25.16
CA ASP D 119 10.63 23.60 25.85
C ASP D 119 10.02 22.26 26.33
N GLY D 120 9.22 21.63 25.47
CA GLY D 120 8.75 20.28 25.71
C GLY D 120 7.51 20.15 26.53
N SER D 121 6.87 21.24 26.94
CA SER D 121 5.63 21.14 27.72
C SER D 121 4.50 21.92 27.05
N ASP D 122 3.25 21.44 27.24
CA ASP D 122 2.10 22.13 26.67
C ASP D 122 2.18 23.63 26.96
N TYR D 123 1.78 24.44 25.97
CA TYR D 123 1.67 25.89 26.15
C TYR D 123 0.25 26.35 25.85
N ILE D 124 -0.29 26.03 24.68
CA ILE D 124 -1.69 26.36 24.42
C ILE D 124 -2.24 25.34 23.43
N THR D 125 -3.54 25.05 23.56
CA THR D 125 -4.22 24.04 22.77
C THR D 125 -5.55 24.58 22.26
N LEU D 126 -5.77 24.47 20.96
CA LEU D 126 -7.09 24.75 20.40
C LEU D 126 -8.05 23.63 20.77
N ASN D 127 -9.24 23.96 21.26
CA ASN D 127 -10.18 22.95 21.68
C ASN D 127 -10.92 22.34 20.49
N GLU D 128 -11.73 21.31 20.79
CA GLU D 128 -12.39 20.55 19.74
C GLU D 128 -13.41 21.39 18.98
N ASP D 129 -13.99 22.41 19.63
CA ASP D 129 -14.90 23.31 18.93
C ASP D 129 -14.19 24.19 17.90
N LEU D 130 -12.85 24.20 17.89
CA LEU D 130 -12.07 25.02 16.97
C LEU D 130 -12.33 26.51 17.17
N SER D 131 -12.77 26.87 18.37
CA SER D 131 -13.12 28.26 18.66
C SER D 131 -12.50 28.77 19.95
N SER D 132 -12.30 27.90 20.92
CA SER D 132 -11.75 28.26 22.22
C SER D 132 -10.42 27.59 22.42
N TRP D 133 -9.65 28.14 23.37
CA TRP D 133 -8.28 27.74 23.62
C TRP D 133 -8.12 27.34 25.08
N THR D 134 -7.18 26.42 25.33
CA THR D 134 -6.83 25.99 26.69
C THR D 134 -5.40 26.42 26.98
N ALA D 135 -5.21 27.17 28.04
CA ALA D 135 -3.90 27.63 28.45
C ALA D 135 -3.47 26.85 29.68
N VAL D 136 -2.25 27.12 30.15
CA VAL D 136 -1.61 26.34 31.22
C VAL D 136 -0.97 27.19 32.30
N ASP D 137 -0.79 28.49 32.10
CA ASP D 137 -0.13 29.34 33.05
C ASP D 137 -0.45 30.79 32.70
N MET D 138 0.18 31.71 33.42
CA MET D 138 -0.12 33.13 33.27
C MET D 138 0.25 33.63 31.87
N VAL D 139 1.43 33.23 31.38
CA VAL D 139 1.88 33.72 30.08
C VAL D 139 0.97 33.20 28.97
N SER D 140 0.68 31.90 28.99
CA SER D 140 -0.16 31.35 27.94
C SER D 140 -1.61 31.82 28.06
N GLN D 141 -2.05 32.25 29.25
CA GLN D 141 -3.35 32.90 29.37
C GLN D 141 -3.39 34.22 28.61
N ILE D 142 -2.28 34.96 28.62
CA ILE D 142 -2.16 36.14 27.76
C ILE D 142 -2.42 35.78 26.31
N THR D 143 -1.80 34.70 25.86
CA THR D 143 -2.01 34.24 24.48
C THR D 143 -3.46 33.85 24.25
N LYS D 144 -4.06 33.13 25.19
CA LYS D 144 -5.46 32.76 25.06
C LYS D 144 -6.35 34.00 24.95
N SER D 145 -6.17 34.96 25.85
CA SER D 145 -6.99 36.17 25.83
C SER D 145 -6.85 36.89 24.50
N ARG D 146 -5.61 37.03 24.01
CA ARG D 146 -5.37 37.71 22.74
C ARG D 146 -6.05 36.98 21.59
N LEU D 147 -5.83 35.68 21.49
CA LEU D 147 -6.36 34.91 20.36
C LEU D 147 -7.87 34.90 20.34
N GLU D 148 -8.50 34.86 21.51
CA GLU D 148 -9.96 34.84 21.56
C GLU D 148 -10.54 36.22 21.29
N SER D 149 -9.90 37.29 21.77
CA SER D 149 -10.34 38.64 21.43
C SER D 149 -10.24 38.93 19.94
N ALA D 150 -9.26 38.34 19.26
CA ALA D 150 -9.02 38.57 17.85
C ALA D 150 -9.71 37.56 16.93
N GLY D 151 -10.32 36.52 17.47
CA GLY D 151 -10.89 35.49 16.63
C GLY D 151 -9.90 34.71 15.77
N THR D 152 -8.66 34.57 16.24
CA THR D 152 -7.61 33.97 15.43
C THR D 152 -7.93 32.54 14.98
N ALA D 153 -8.61 31.78 15.81
CA ALA D 153 -8.95 30.43 15.42
C ALA D 153 -9.71 30.39 14.08
N GLU D 154 -10.44 31.47 13.75
CA GLU D 154 -11.21 31.49 12.50
C GLU D 154 -10.31 31.31 11.29
N TYR D 155 -9.07 31.80 11.36
CA TYR D 155 -8.14 31.65 10.23
C TYR D 155 -7.49 30.27 10.18
N PHE D 156 -7.41 29.60 11.31
CA PHE D 156 -7.04 28.17 11.26
C PHE D 156 -8.14 27.36 10.58
N ARG D 157 -9.40 27.62 10.94
CA ARG D 157 -10.52 26.97 10.27
C ARG D 157 -10.43 27.14 8.76
N ALA D 158 -10.18 28.38 8.30
CA ALA D 158 -10.01 28.61 6.88
C ALA D 158 -8.90 27.75 6.28
N TYR D 159 -7.78 27.62 6.98
CA TYR D 159 -6.70 26.75 6.51
C TYR D 159 -7.16 25.30 6.42
N VAL D 160 -7.87 24.84 7.44
CA VAL D 160 -8.30 23.44 7.47
C VAL D 160 -9.23 23.16 6.30
N GLU D 161 -10.23 24.03 6.10
CA GLU D 161 -11.24 23.78 5.06
C GLU D 161 -10.68 24.04 3.68
N GLY D 162 -9.55 24.75 3.59
CA GLY D 162 -8.87 24.99 2.33
C GLY D 162 -7.73 24.04 2.08
N GLU D 163 -6.50 24.51 2.27
CA GLU D 163 -5.34 23.72 1.85
C GLU D 163 -5.27 22.34 2.53
N CYS D 164 -5.54 22.28 3.84
CA CYS D 164 -5.33 21.04 4.57
C CYS D 164 -6.16 19.93 3.96
N LEU D 165 -7.47 20.18 3.77
CA LEU D 165 -8.37 19.16 3.22
C LEU D 165 -8.06 18.87 1.74
N GLU D 166 -7.64 19.88 1.00
CA GLU D 166 -7.28 19.68 -0.39
C GLU D 166 -6.12 18.73 -0.52
N LEU D 167 -5.06 18.97 0.26
CA LEU D 167 -3.87 18.14 0.17
C LEU D 167 -4.15 16.73 0.66
N LEU D 168 -4.96 16.60 1.71
CA LEU D 168 -5.23 15.28 2.24
C LEU D 168 -5.96 14.44 1.21
N HIS D 169 -6.91 15.05 0.50
CA HIS D 169 -7.65 14.34 -0.55
C HIS D 169 -6.72 13.94 -1.68
N ARG D 170 -5.87 14.88 -2.11
CA ARG D 170 -5.02 14.62 -3.25
C ARG D 170 -4.01 13.52 -2.94
N PHE D 171 -3.38 13.58 -1.74
CA PHE D 171 -2.40 12.56 -1.38
C PHE D 171 -3.06 11.19 -1.26
N LEU D 172 -4.23 11.12 -0.66
CA LEU D 172 -4.95 9.84 -0.57
C LEU D 172 -5.23 9.28 -1.94
N ARG D 173 -5.48 10.13 -2.91
CA ARG D 173 -5.76 9.65 -4.26
C ARG D 173 -4.49 9.23 -4.96
N ASN D 174 -3.48 10.10 -4.98
CA ASN D 174 -2.26 9.79 -5.70
C ASN D 174 -1.41 8.74 -4.96
N GLY D 175 -1.60 8.57 -3.64
CA GLY D 175 -0.87 7.54 -2.88
C GLY D 175 -1.78 6.41 -2.44
N LYS D 176 -2.78 6.09 -3.26
CA LYS D 176 -3.86 5.21 -2.84
C LYS D 176 -3.31 3.84 -2.44
N GLU D 177 -2.43 3.25 -3.27
CA GLU D 177 -1.90 1.91 -3.00
C GLU D 177 -1.30 1.82 -1.61
N ILE D 178 -0.57 2.85 -1.20
CA ILE D 178 0.14 2.82 0.08
C ILE D 178 -0.77 3.17 1.25
N LEU D 179 -1.63 4.18 1.07
CA LEU D 179 -2.34 4.81 2.18
C LEU D 179 -3.67 4.12 2.44
N GLN D 180 -4.42 3.74 1.42
CA GLN D 180 -5.71 3.13 1.64
C GLN D 180 -5.53 1.61 1.66
N ARG D 181 -4.75 1.16 2.64
CA ARG D 181 -4.48 -0.26 2.83
C ARG D 181 -4.40 -0.54 4.33
N ALA D 182 -4.58 -1.83 4.67
CA ALA D 182 -4.33 -2.31 6.03
C ALA D 182 -3.74 -3.71 5.93
N ASP D 183 -2.49 -3.87 6.34
CA ASP D 183 -1.79 -5.15 6.32
C ASP D 183 -1.87 -5.77 7.68
N PRO D 184 -2.56 -6.88 7.87
CA PRO D 184 -2.62 -7.46 9.20
C PRO D 184 -1.26 -7.95 9.67
N PRO D 185 -1.10 -8.12 10.97
CA PRO D 185 0.14 -8.67 11.50
C PRO D 185 0.25 -10.19 11.33
N LYS D 186 1.46 -10.66 11.08
CA LYS D 186 1.80 -12.06 11.29
C LYS D 186 2.21 -12.21 12.74
N ALA D 187 1.47 -13.07 13.47
CA ALA D 187 1.53 -13.16 14.92
C ALA D 187 1.83 -14.58 15.37
N HIS D 188 2.62 -14.71 16.44
CA HIS D 188 2.96 -16.03 16.96
C HIS D 188 3.52 -15.85 18.36
N VAL D 189 3.60 -16.96 19.10
CA VAL D 189 4.10 -16.95 20.47
C VAL D 189 5.45 -17.65 20.50
N ALA D 190 6.44 -17.00 21.08
CA ALA D 190 7.76 -17.55 21.27
C ALA D 190 7.89 -18.00 22.72
N HIS D 191 8.66 -19.07 22.94
CA HIS D 191 8.83 -19.74 24.23
C HIS D 191 10.31 -19.73 24.58
N HIS D 192 10.65 -19.12 25.72
CA HIS D 192 12.03 -19.02 26.19
C HIS D 192 12.11 -19.42 27.66
N PRO D 193 12.68 -20.59 27.97
CA PRO D 193 12.82 -20.98 29.38
C PRO D 193 13.71 -20.01 30.16
N ARG D 194 13.43 -19.88 31.45
CA ARG D 194 14.22 -19.08 32.36
C ARG D 194 14.98 -19.96 33.34
N PRO D 195 16.06 -19.46 33.93
CA PRO D 195 16.85 -20.33 34.84
C PRO D 195 16.08 -20.85 36.03
N LYS D 196 15.23 -20.02 36.66
CA LYS D 196 14.50 -20.48 37.84
C LYS D 196 13.54 -21.63 37.53
N GLY D 197 13.28 -21.91 36.25
CA GLY D 197 12.36 -22.96 35.86
C GLY D 197 11.06 -22.45 35.31
N ASP D 198 10.78 -21.16 35.45
CA ASP D 198 9.62 -20.55 34.83
C ASP D 198 9.93 -20.19 33.37
N VAL D 199 8.92 -19.66 32.67
CA VAL D 199 8.99 -19.51 31.22
C VAL D 199 8.48 -18.15 30.84
N THR D 200 9.16 -17.51 29.90
CA THR D 200 8.66 -16.29 29.26
C THR D 200 7.91 -16.65 27.99
N LEU D 201 6.68 -16.16 27.86
CA LEU D 201 5.90 -16.28 26.64
C LEU D 201 5.87 -14.92 26.00
N ARG D 202 6.42 -14.83 24.78
CA ARG D 202 6.52 -13.55 24.07
C ARG D 202 5.63 -13.59 22.83
N CYS D 203 4.65 -12.74 22.77
CA CYS D 203 3.71 -12.66 21.64
C CYS D 203 4.17 -11.59 20.66
N TRP D 204 4.46 -12.01 19.43
CA TRP D 204 5.04 -11.17 18.39
C TRP D 204 3.98 -10.81 17.37
N ALA D 205 4.07 -9.58 16.85
CA ALA D 205 3.33 -9.08 15.70
C ALA D 205 4.29 -8.33 14.78
N LEU D 206 4.28 -8.71 13.53
CA LEU D 206 5.25 -8.22 12.57
C LEU D 206 4.53 -7.87 11.28
N GLY D 207 5.12 -6.96 10.53
CA GLY D 207 4.67 -6.68 9.20
C GLY D 207 3.35 -5.94 9.08
N PHE D 208 2.86 -5.27 10.13
CA PHE D 208 1.52 -4.70 10.09
C PHE D 208 1.56 -3.22 9.71
N TYR D 209 0.42 -2.78 9.17
CA TYR D 209 0.16 -1.35 8.85
C TYR D 209 -1.35 -1.13 8.90
N PRO D 210 -1.86 -0.07 9.55
CA PRO D 210 -1.11 1.00 10.25
C PRO D 210 -0.46 0.55 11.54
N ALA D 211 0.19 1.50 12.22
CA ALA D 211 0.96 1.16 13.41
C ALA D 211 0.07 0.84 14.60
N ASP D 212 -1.14 1.38 14.67
CA ASP D 212 -1.99 1.13 15.83
C ASP D 212 -2.29 -0.35 16.00
N ILE D 213 -1.99 -0.91 17.18
CA ILE D 213 -2.25 -2.32 17.44
C ILE D 213 -2.42 -2.50 18.93
N THR D 214 -3.20 -3.49 19.31
CA THR D 214 -3.30 -3.90 20.72
C THR D 214 -2.90 -5.36 20.89
N LEU D 215 -2.05 -5.65 21.87
CA LEU D 215 -1.67 -7.00 22.27
C LEU D 215 -2.05 -7.19 23.72
N THR D 216 -2.65 -8.33 24.04
CA THR D 216 -3.18 -8.55 25.38
C THR D 216 -3.03 -10.00 25.80
N TRP D 217 -2.44 -10.21 26.97
CA TRP D 217 -2.33 -11.53 27.58
C TRP D 217 -3.41 -11.70 28.63
N GLN D 218 -3.98 -12.89 28.71
CA GLN D 218 -5.01 -13.19 29.70
C GLN D 218 -4.80 -14.60 30.23
N LYS D 219 -5.21 -14.81 31.49
CA LYS D 219 -5.12 -16.10 32.14
C LYS D 219 -6.53 -16.67 32.25
N ASP D 220 -6.79 -17.76 31.52
CA ASP D 220 -8.13 -18.29 31.30
C ASP D 220 -9.19 -17.20 31.43
N GLU D 221 -9.78 -17.07 32.60
CA GLU D 221 -10.88 -16.12 32.78
C GLU D 221 -10.37 -14.68 32.92
N GLU D 222 -9.38 -14.47 33.80
CA GLU D 222 -9.01 -13.13 34.21
C GLU D 222 -7.97 -12.51 33.27
N ASP D 223 -7.74 -11.22 33.47
CA ASP D 223 -6.93 -10.37 32.59
C ASP D 223 -5.59 -10.08 33.25
N LEU D 224 -4.59 -9.75 32.42
CA LEU D 224 -3.23 -9.55 32.90
C LEU D 224 -2.54 -8.39 32.19
N THR D 225 -3.30 -7.34 31.86
CA THR D 225 -2.71 -6.20 31.17
C THR D 225 -1.58 -5.56 31.99
N GLN D 226 -1.52 -5.82 33.30
CA GLN D 226 -0.58 -5.16 34.20
C GLN D 226 0.48 -6.11 34.74
N ASP D 227 0.62 -7.30 34.14
CA ASP D 227 1.61 -8.28 34.58
C ASP D 227 2.56 -8.66 33.44
N MET D 228 2.58 -7.88 32.35
CA MET D 228 3.34 -8.24 31.16
C MET D 228 4.23 -7.09 30.71
N GLU D 229 5.34 -7.43 30.07
CA GLU D 229 6.24 -6.46 29.48
C GLU D 229 5.81 -6.20 28.04
N LEU D 230 5.87 -4.93 27.64
CA LEU D 230 5.25 -4.49 26.39
C LEU D 230 6.11 -3.40 25.79
N VAL D 231 6.76 -3.68 24.66
CA VAL D 231 7.68 -2.70 24.09
C VAL D 231 6.87 -1.77 23.20
N GLU D 232 7.33 -0.54 23.09
CA GLU D 232 6.68 0.43 22.22
C GLU D 232 6.69 -0.07 20.80
N THR D 233 5.59 0.16 20.09
CA THR D 233 5.50 -0.24 18.69
C THR D 233 6.62 0.44 17.93
N ARG D 234 7.22 -0.28 16.98
CA ARG D 234 8.48 0.18 16.42
C ARG D 234 8.50 -0.03 14.92
N PRO D 235 9.20 0.82 14.18
CA PRO D 235 9.23 0.65 12.72
C PRO D 235 10.20 -0.42 12.26
N SER D 236 9.85 -1.12 11.21
CA SER D 236 10.74 -2.10 10.64
C SER D 236 11.69 -1.50 9.62
N GLY D 237 11.36 -0.31 9.12
CA GLY D 237 12.15 0.42 8.18
C GLY D 237 11.66 0.36 6.75
N ASP D 238 10.75 -0.58 6.46
CA ASP D 238 10.22 -0.78 5.11
C ASP D 238 8.82 -0.23 4.94
N GLY D 239 8.26 0.44 5.96
CA GLY D 239 6.88 0.88 5.95
C GLY D 239 5.93 0.09 6.84
N THR D 240 6.39 -1.01 7.45
CA THR D 240 5.58 -1.78 8.39
C THR D 240 6.14 -1.63 9.80
N PHE D 241 5.39 -2.13 10.78
CA PHE D 241 5.71 -2.01 12.18
C PHE D 241 5.71 -3.38 12.87
N GLN D 242 6.33 -3.39 14.05
CA GLN D 242 6.43 -4.55 14.91
C GLN D 242 6.12 -4.20 16.36
N LYS D 243 5.82 -5.22 17.17
CA LYS D 243 5.54 -5.06 18.60
C LYS D 243 5.50 -6.44 19.25
N TRP D 244 5.87 -6.50 20.51
CA TRP D 244 5.65 -7.72 21.26
C TRP D 244 5.30 -7.41 22.72
N ALA D 245 4.76 -8.44 23.38
CA ALA D 245 4.30 -8.40 24.77
C ALA D 245 4.60 -9.75 25.36
N ALA D 246 5.03 -9.76 26.64
CA ALA D 246 5.50 -10.99 27.25
C ALA D 246 5.08 -11.11 28.70
N VAL D 247 4.86 -12.35 29.13
CA VAL D 247 4.47 -12.70 30.49
C VAL D 247 5.36 -13.82 30.97
N VAL D 248 5.63 -13.83 32.28
CA VAL D 248 6.35 -14.91 32.92
C VAL D 248 5.31 -15.82 33.58
N VAL D 249 5.38 -17.10 33.26
CA VAL D 249 4.40 -18.07 33.75
C VAL D 249 5.13 -19.25 34.37
N PRO D 250 4.45 -20.01 35.22
CA PRO D 250 5.05 -21.26 35.72
C PRO D 250 5.16 -22.27 34.59
N SER D 251 6.24 -23.05 34.62
CA SER D 251 6.37 -24.14 33.68
C SER D 251 5.14 -25.04 33.77
N GLY D 252 4.76 -25.63 32.65
CA GLY D 252 3.62 -26.53 32.64
C GLY D 252 2.28 -25.86 32.80
N GLU D 253 2.24 -24.54 32.82
CA GLU D 253 0.98 -23.79 32.82
C GLU D 253 0.85 -22.91 31.57
N GLU D 254 1.59 -23.24 30.51
CA GLU D 254 1.58 -22.41 29.31
C GLU D 254 0.17 -22.28 28.76
N GLN D 255 -0.59 -23.39 28.72
CA GLN D 255 -1.88 -23.37 28.06
C GLN D 255 -2.92 -22.57 28.83
N ARG D 256 -2.61 -22.14 30.05
CA ARG D 256 -3.54 -21.35 30.83
C ARG D 256 -3.66 -19.92 30.32
N TYR D 257 -2.83 -19.53 29.35
CA TYR D 257 -2.75 -18.15 28.89
C TYR D 257 -3.01 -18.06 27.40
N THR D 258 -3.47 -16.90 26.96
CA THR D 258 -3.74 -16.65 25.57
C THR D 258 -3.40 -15.22 25.24
N CYS D 259 -2.75 -15.02 24.10
CA CYS D 259 -2.43 -13.69 23.60
C CYS D 259 -3.49 -13.27 22.58
N TYR D 260 -4.10 -12.09 22.77
CA TYR D 260 -5.13 -11.57 21.87
C TYR D 260 -4.55 -10.40 21.09
N VAL D 261 -4.84 -10.38 19.78
CA VAL D 261 -4.27 -9.42 18.85
C VAL D 261 -5.43 -8.70 18.17
N HIS D 262 -5.45 -7.37 18.28
CA HIS D 262 -6.47 -6.53 17.65
C HIS D 262 -5.81 -5.58 16.67
N HIS D 263 -6.20 -5.66 15.39
CA HIS D 263 -5.64 -4.76 14.38
C HIS D 263 -6.67 -4.57 13.27
N GLU D 264 -6.52 -3.45 12.55
CA GLU D 264 -7.52 -3.05 11.57
C GLU D 264 -7.52 -3.98 10.35
N GLY D 265 -6.38 -4.54 10.03
CA GLY D 265 -6.31 -5.53 8.94
C GLY D 265 -6.92 -6.90 9.25
N LEU D 266 -7.37 -7.12 10.47
CA LEU D 266 -8.04 -8.35 10.86
C LEU D 266 -9.55 -8.11 10.90
N THR D 267 -10.32 -9.10 10.45
CA THR D 267 -11.76 -9.00 10.52
C THR D 267 -12.29 -9.37 11.90
N GLU D 268 -11.45 -9.93 12.77
CA GLU D 268 -11.77 -10.20 14.16
C GLU D 268 -10.46 -10.38 14.95
N PRO D 269 -10.50 -10.24 16.26
CA PRO D 269 -9.26 -10.44 17.03
C PRO D 269 -8.78 -11.88 16.96
N LEU D 270 -7.46 -12.05 17.02
CA LEU D 270 -6.83 -13.36 16.98
C LEU D 270 -6.48 -13.73 18.41
N ALA D 271 -6.66 -15.01 18.73
CA ALA D 271 -6.31 -15.56 20.03
C ALA D 271 -5.23 -16.61 19.84
N LEU D 272 -4.07 -16.40 20.44
CA LEU D 272 -2.90 -17.24 20.19
C LEU D 272 -2.45 -17.88 21.49
N LYS D 273 -1.94 -19.11 21.37
CA LYS D 273 -1.35 -19.88 22.45
C LYS D 273 -0.02 -20.44 21.99
N TRP D 274 0.81 -20.87 22.95
CA TRP D 274 2.09 -21.43 22.58
C TRP D 274 1.90 -22.71 21.79
N ARG D 275 2.66 -22.87 20.70
CA ARG D 275 2.52 -24.00 19.78
C ARG D 275 1.08 -24.11 19.29
N ILE E 1 11.85 21.03 30.43
CA ILE E 1 12.25 19.76 31.11
C ILE E 1 13.13 18.93 30.19
N GLN E 2 13.67 17.84 30.73
CA GLN E 2 14.59 16.97 30.02
C GLN E 2 14.09 15.53 30.16
N LYS E 3 14.10 14.81 29.05
CA LYS E 3 13.55 13.46 28.98
C LYS E 3 14.61 12.51 28.45
N THR E 4 14.79 11.38 29.15
CA THR E 4 15.87 10.45 28.86
C THR E 4 15.48 9.51 27.72
N PRO E 5 16.35 9.28 26.76
CA PRO E 5 15.96 8.46 25.61
C PRO E 5 15.79 6.99 25.99
N GLN E 6 14.88 6.35 25.26
CA GLN E 6 14.64 4.92 25.31
C GLN E 6 15.16 4.30 24.02
N ILE E 7 15.74 3.11 24.11
CA ILE E 7 16.48 2.50 22.99
C ILE E 7 15.95 1.10 22.75
N GLN E 8 15.67 0.78 21.49
CA GLN E 8 15.37 -0.59 21.10
C GLN E 8 16.27 -0.97 19.95
N VAL E 9 16.93 -2.13 20.05
CA VAL E 9 17.81 -2.66 19.01
C VAL E 9 17.24 -3.98 18.54
N TYR E 10 17.14 -4.15 17.24
CA TYR E 10 16.35 -5.23 16.66
C TYR E 10 16.58 -5.27 15.15
N SER E 11 16.22 -6.37 14.55
CA SER E 11 16.42 -6.58 13.13
C SER E 11 15.10 -6.38 12.41
N ARG E 12 15.16 -5.92 11.17
CA ARG E 12 13.97 -5.72 10.37
C ARG E 12 13.19 -7.02 10.19
N HIS E 13 13.86 -8.09 9.79
CA HIS E 13 13.33 -9.44 9.67
C HIS E 13 13.90 -10.38 10.75
N PRO E 14 13.19 -11.45 11.07
CA PRO E 14 13.70 -12.41 12.05
C PRO E 14 15.07 -12.91 11.64
N PRO E 15 16.04 -12.91 12.56
CA PRO E 15 17.42 -13.23 12.16
C PRO E 15 17.63 -14.68 11.78
N GLU E 16 18.42 -14.89 10.73
CA GLU E 16 18.88 -16.20 10.29
C GLU E 16 20.35 -16.04 9.93
N ASN E 17 21.19 -16.90 10.52
CA ASN E 17 22.63 -16.77 10.33
C ASN E 17 22.98 -16.94 8.86
N GLY E 18 23.84 -16.04 8.36
CA GLY E 18 24.28 -16.10 6.99
C GLY E 18 23.41 -15.35 6.01
N LYS E 19 22.25 -14.82 6.45
CA LYS E 19 21.33 -14.19 5.54
C LYS E 19 21.33 -12.69 5.78
N PRO E 20 21.60 -11.90 4.73
CA PRO E 20 21.56 -10.44 4.89
C PRO E 20 20.25 -9.95 5.49
N ASN E 21 20.38 -8.88 6.27
CA ASN E 21 19.28 -8.34 7.07
C ASN E 21 19.55 -6.85 7.28
N ILE E 22 18.76 -6.20 8.14
CA ILE E 22 18.95 -4.81 8.51
C ILE E 22 18.85 -4.70 10.03
N LEU E 23 19.82 -4.04 10.65
CA LEU E 23 19.81 -3.83 12.10
C LEU E 23 19.30 -2.42 12.36
N ASN E 24 18.26 -2.29 13.17
CA ASN E 24 17.66 -1.04 13.56
C ASN E 24 18.03 -0.67 14.99
N CYS E 25 18.22 0.64 15.21
CA CYS E 25 18.33 1.23 16.54
C CYS E 25 17.29 2.34 16.64
N TYR E 26 16.26 2.12 17.46
CA TYR E 26 15.11 3.02 17.51
C TYR E 26 15.14 3.71 18.85
N VAL E 27 15.25 5.04 18.81
CA VAL E 27 15.49 5.89 19.98
C VAL E 27 14.33 6.89 20.13
N THR E 28 13.70 6.88 21.30
CA THR E 28 12.46 7.59 21.48
C THR E 28 12.47 8.31 22.83
N GLN E 29 11.43 9.14 22.99
CA GLN E 29 11.04 9.80 24.23
C GLN E 29 12.12 10.69 24.82
N PHE E 30 12.97 11.27 23.98
CA PHE E 30 13.99 12.17 24.48
C PHE E 30 13.68 13.64 24.14
N HIS E 31 14.28 14.51 24.95
CA HIS E 31 14.11 15.96 24.78
C HIS E 31 15.21 16.64 25.57
N PRO E 32 15.96 17.60 25.02
CA PRO E 32 15.87 18.25 23.70
C PRO E 32 16.32 17.36 22.53
N PRO E 33 16.18 17.87 21.31
CA PRO E 33 16.33 16.98 20.14
C PRO E 33 17.77 16.57 19.84
N HIS E 34 18.76 17.31 20.27
CA HIS E 34 20.13 16.98 19.91
C HIS E 34 20.58 15.67 20.57
N ILE E 35 21.13 14.76 19.76
CA ILE E 35 21.45 13.43 20.22
C ILE E 35 22.55 12.87 19.34
N GLU E 36 23.31 11.91 19.88
CA GLU E 36 24.34 11.21 19.12
C GLU E 36 24.09 9.71 19.18
N ILE E 37 24.14 9.05 18.03
CA ILE E 37 23.78 7.64 17.94
C ILE E 37 24.85 6.92 17.13
N GLN E 38 25.40 5.84 17.72
CA GLN E 38 26.42 5.01 17.08
C GLN E 38 25.98 3.56 17.10
N MET E 39 26.30 2.82 16.05
CA MET E 39 26.05 1.38 15.99
C MET E 39 27.38 0.65 15.91
N LEU E 40 27.48 -0.46 16.63
CA LEU E 40 28.75 -1.13 16.90
C LEU E 40 28.71 -2.61 16.52
N LYS E 41 29.80 -3.08 15.93
CA LYS E 41 30.00 -4.50 15.65
C LYS E 41 31.31 -4.93 16.31
N ASN E 42 31.23 -5.87 17.25
CA ASN E 42 32.41 -6.41 17.91
C ASN E 42 33.33 -5.29 18.40
N GLY E 43 32.73 -4.26 18.97
CA GLY E 43 33.49 -3.18 19.57
C GLY E 43 33.94 -2.06 18.65
N LYS E 44 33.51 -2.07 17.39
CA LYS E 44 33.97 -1.10 16.42
C LYS E 44 32.78 -0.34 15.86
N LYS E 45 32.95 0.96 15.69
CA LYS E 45 31.93 1.79 15.06
C LYS E 45 31.68 1.31 13.64
N ILE E 46 30.41 1.08 13.32
CA ILE E 46 29.99 0.71 11.97
C ILE E 46 30.03 1.97 11.12
N PRO E 47 30.79 2.01 10.03
CA PRO E 47 31.02 3.27 9.32
C PRO E 47 29.79 3.82 8.61
N LYS E 48 29.08 2.99 7.85
CA LYS E 48 27.96 3.46 7.04
C LYS E 48 26.67 3.17 7.81
N VAL E 49 26.23 4.16 8.57
CA VAL E 49 24.96 4.11 9.28
C VAL E 49 24.06 5.20 8.73
N GLU E 50 22.77 4.89 8.54
CA GLU E 50 21.82 5.84 7.98
C GLU E 50 20.78 6.22 9.03
N MET E 51 20.23 7.42 8.91
CA MET E 51 19.33 7.99 9.89
C MET E 51 18.06 8.49 9.22
N SER E 52 16.92 8.20 9.79
CA SER E 52 15.67 8.80 9.37
C SER E 52 15.67 10.28 9.76
N ASP E 53 14.65 10.98 9.22
CA ASP E 53 14.37 12.31 9.75
C ASP E 53 13.93 12.18 11.22
N MET E 54 14.30 13.16 12.03
CA MET E 54 13.73 13.25 13.37
C MET E 54 12.28 13.74 13.30
N SER E 55 11.45 13.23 14.19
CA SER E 55 10.09 13.71 14.37
C SER E 55 9.80 13.68 15.87
N PHE E 56 8.55 13.86 16.25
CA PHE E 56 8.17 13.87 17.66
C PHE E 56 6.74 13.42 17.82
N SER E 57 6.41 13.03 19.08
CA SER E 57 5.12 12.44 19.38
C SER E 57 4.16 13.45 20.02
N LYS E 58 3.00 12.95 20.47
CA LYS E 58 1.95 13.83 20.99
C LYS E 58 2.26 14.36 22.38
N ASP E 59 3.17 13.73 23.12
CA ASP E 59 3.68 14.33 24.36
C ASP E 59 4.89 15.22 24.12
N TRP E 60 5.25 15.46 22.85
CA TRP E 60 6.30 16.38 22.40
C TRP E 60 7.72 15.82 22.39
N SER E 61 7.93 14.59 22.85
CA SER E 61 9.27 14.02 22.85
C SER E 61 9.62 13.51 21.47
N PHE E 62 10.92 13.58 21.17
CA PHE E 62 11.43 13.22 19.85
C PHE E 62 11.73 11.72 19.65
N TYR E 63 11.83 11.31 18.38
CA TYR E 63 12.23 9.97 18.05
C TYR E 63 12.94 9.97 16.70
N ILE E 64 13.68 8.88 16.47
CA ILE E 64 14.51 8.73 15.28
C ILE E 64 14.96 7.29 15.11
N LEU E 65 15.24 6.90 13.87
CA LEU E 65 15.58 5.52 13.53
C LEU E 65 16.94 5.50 12.85
N ALA E 66 17.90 4.81 13.44
CA ALA E 66 19.17 4.53 12.80
C ALA E 66 19.20 3.06 12.35
N HIS E 67 19.86 2.79 11.22
CA HIS E 67 19.85 1.42 10.73
C HIS E 67 21.05 1.20 9.83
N THR E 68 21.41 -0.06 9.67
CA THR E 68 22.54 -0.46 8.83
C THR E 68 22.33 -1.91 8.40
N GLU E 69 22.86 -2.26 7.26
CA GLU E 69 22.74 -3.62 6.77
C GLU E 69 23.76 -4.50 7.48
N PHE E 70 23.37 -5.73 7.80
CA PHE E 70 24.26 -6.66 8.46
C PHE E 70 23.83 -8.09 8.16
N THR E 71 24.78 -9.00 8.23
CA THR E 71 24.54 -10.43 8.10
C THR E 71 24.84 -11.08 9.44
N PRO E 72 23.83 -11.45 10.23
CA PRO E 72 24.12 -12.00 11.57
C PRO E 72 24.84 -13.33 11.50
N THR E 73 25.63 -13.61 12.54
CA THR E 73 26.34 -14.87 12.70
C THR E 73 26.22 -15.34 14.13
N GLU E 74 26.66 -16.56 14.40
CA GLU E 74 26.65 -17.06 15.76
C GLU E 74 27.65 -16.33 16.64
N THR E 75 28.71 -15.77 16.04
CA THR E 75 29.84 -15.23 16.80
C THR E 75 29.76 -13.73 17.05
N ASP E 76 29.28 -12.94 16.10
CA ASP E 76 29.40 -11.48 16.17
C ASP E 76 28.34 -10.86 17.09
N THR E 77 28.74 -9.82 17.81
CA THR E 77 27.82 -9.08 18.66
C THR E 77 27.64 -7.68 18.08
N TYR E 78 26.46 -7.11 18.29
CA TYR E 78 26.09 -5.80 17.77
C TYR E 78 25.47 -5.00 18.89
N ALA E 79 25.67 -3.68 18.84
CA ALA E 79 25.18 -2.80 19.89
C ALA E 79 24.92 -1.41 19.33
N CYS E 80 24.11 -0.64 20.06
CA CYS E 80 23.83 0.75 19.74
C CYS E 80 24.17 1.58 20.96
N ARG E 81 24.97 2.65 20.78
CA ARG E 81 25.37 3.55 21.85
C ARG E 81 24.83 4.94 21.62
N VAL E 82 24.17 5.50 22.64
CA VAL E 82 23.46 6.76 22.49
C VAL E 82 23.98 7.74 23.54
N LYS E 83 24.25 8.97 23.12
CA LYS E 83 24.68 10.03 24.02
C LYS E 83 23.68 11.18 23.95
N HIS E 84 23.18 11.60 25.12
CA HIS E 84 22.18 12.65 25.18
C HIS E 84 22.37 13.46 26.46
N ASP E 85 22.11 14.76 26.38
CA ASP E 85 22.44 15.64 27.50
C ASP E 85 21.67 15.31 28.75
N SER E 86 20.63 14.47 28.67
CA SER E 86 19.91 14.05 29.87
C SER E 86 20.63 12.96 30.68
N MET E 87 21.67 12.34 30.12
CA MET E 87 22.38 11.25 30.80
C MET E 87 23.82 11.64 31.12
N ALA E 88 24.32 11.18 32.27
CA ALA E 88 25.71 11.46 32.63
C ALA E 88 26.69 10.82 31.64
N GLU E 89 26.44 9.58 31.25
CA GLU E 89 27.32 8.84 30.36
C GLU E 89 26.52 8.14 29.27
N PRO E 90 27.18 7.78 28.17
CA PRO E 90 26.47 7.09 27.09
C PRO E 90 25.79 5.80 27.57
N LYS E 91 24.73 5.43 26.86
CA LYS E 91 23.98 4.22 27.14
C LYS E 91 24.14 3.29 25.95
N THR E 92 24.55 2.05 26.21
CA THR E 92 24.75 1.06 25.17
C THR E 92 23.76 -0.07 25.34
N VAL E 93 23.06 -0.42 24.26
CA VAL E 93 22.11 -1.55 24.25
C VAL E 93 22.60 -2.54 23.22
N TYR E 94 22.82 -3.79 23.66
CA TYR E 94 23.29 -4.85 22.77
C TYR E 94 22.08 -5.48 22.09
N TRP E 95 22.27 -5.89 20.85
CA TRP E 95 21.24 -6.64 20.14
C TRP E 95 21.07 -8.04 20.71
N ASP E 96 19.83 -8.39 21.02
CA ASP E 96 19.46 -9.72 21.47
C ASP E 96 18.51 -10.28 20.44
N ARG E 97 18.89 -11.41 19.82
CA ARG E 97 18.11 -11.99 18.73
C ARG E 97 16.75 -12.52 19.16
N ASP E 98 16.48 -12.62 20.45
CA ASP E 98 15.18 -13.04 20.94
C ASP E 98 14.22 -11.88 21.19
N MET E 99 14.64 -10.64 20.95
CA MET E 99 13.81 -9.46 21.27
C MET E 99 13.74 -8.49 20.12
N FME F 1 1.18 23.52 6.76
CN FME F 1 0.81 22.93 7.92
O1 FME F 1 1.33 23.21 8.97
CA FME F 1 2.17 24.57 6.70
CB FME F 1 2.78 24.62 5.34
CG FME F 1 3.51 23.34 5.06
SD FME F 1 4.84 22.92 6.22
CE FME F 1 6.07 23.95 5.68
C FME F 1 1.51 25.87 7.13
O FME F 1 1.09 26.74 6.37
H FME F 1 0.77 23.24 5.90
HCN FME F 1 -0.01 22.18 7.81
HA FME F 1 3.05 24.47 7.42
HB2 FME F 1 3.48 25.49 5.29
HB3 FME F 1 1.97 24.78 4.59
HG2 FME F 1 3.95 23.38 4.03
HG3 FME F 1 2.77 22.49 5.07
HE1 FME F 1 6.94 23.78 6.35
HE2 FME F 1 5.65 24.99 5.74
HE3 FME F 1 6.28 23.64 4.62
N PHE F 2 1.35 25.96 8.45
CA PHE F 2 0.57 27.00 9.10
C PHE F 2 1.17 27.32 10.48
N PHE F 3 1.23 28.61 10.84
CA PHE F 3 1.78 29.01 12.12
C PHE F 3 1.07 30.23 12.67
N ILE F 4 0.73 30.21 13.95
CA ILE F 4 0.01 31.29 14.63
C ILE F 4 0.98 32.00 15.57
N ASN F 5 0.99 33.32 15.48
CA ASN F 5 1.76 34.13 16.43
C ASN F 5 1.16 34.05 17.83
N ILE F 6 1.95 33.62 18.80
CA ILE F 6 1.42 33.43 20.15
C ILE F 6 1.69 34.61 21.08
N LEU F 7 2.69 35.45 20.78
CA LEU F 7 2.98 36.62 21.60
C LEU F 7 3.55 37.74 20.72
C1 NAG G . -19.06 -21.09 14.25
C2 NAG G . -18.29 -19.82 14.64
C3 NAG G . -17.10 -20.19 15.52
C4 NAG G . -17.55 -21.03 16.71
C5 NAG G . -18.40 -22.22 16.24
C6 NAG G . -18.99 -22.99 17.41
C7 NAG G . -18.60 -18.12 12.91
C8 NAG G . -18.01 -17.47 11.69
N2 NAG G . -17.86 -19.09 13.47
O3 NAG G . -16.47 -19.00 15.99
O4 NAG G . -16.42 -21.51 17.42
O5 NAG G . -19.49 -21.78 15.43
O6 NAG G . -19.23 -24.35 17.05
O7 NAG G . -19.71 -17.80 13.35
H2 NAG G . -18.89 -19.25 15.16
H3 NAG G . -16.45 -20.69 14.99
H4 NAG G . -18.10 -20.48 17.30
H5 NAG G . -17.84 -22.82 15.71
H61 NAG G . -19.84 -22.57 17.67
H62 NAG G . -18.38 -22.96 18.16
H81 NAG G . -18.61 -16.78 11.36
H82 NAG G . -17.87 -18.14 11.00
H83 NAG G . -17.15 -17.06 11.92
HN2 NAG G . -17.05 -19.29 13.11
HO3 NAG G . -15.77 -19.20 16.48
HO4 NAG G . -16.57 -21.47 18.30
HO6 NAG G . -19.54 -24.78 17.77
NA NA H . -12.49 -15.46 -3.76
NA NA I . 7.19 4.58 18.35
#